data_6PID
#
_entry.id   6PID
#
_cell.length_a   52.330
_cell.length_b   119.060
_cell.length_c   66.220
_cell.angle_alpha   90.00
_cell.angle_beta   109.24
_cell.angle_gamma   90.00
#
_symmetry.space_group_name_H-M   'P 1 21 1'
#
loop_
_entity.id
_entity.type
_entity.pdbx_description
1 polymer 'Acetylpolyamine amidohydrolase'
2 non-polymer 'ZINC ION'
3 non-polymer 'MAGNESIUM ION'
4 non-polymer 'POTASSIUM ION'
5 non-polymer 8-amino-N-hydroxyoctanamide
6 water water
#
_entity_poly.entity_id   1
_entity_poly.type   'polypeptide(L)'
_entity_poly.pdbx_seq_one_letter_code
;GPLGSMKTVFSPLHSRRHVKTELDGGLLIEPHEKPSRAETILARVKDQALGEILEPEEFGLGPVKRVHTADYVSFLETCW
DEWVAAGKRGEAIPTFWVGRGMRARLPKDIDGRLGYYSLGADTSISDGTWEAARASANVALTAQKLVAEGERAAFALCRP
PGHHAHADVFGGYCFFNNAAIAAQAFRDQGYGKVAVLDVDFHHGNGTQAIFYDRSDVLTISLHGDPDLVFPHFLGFEDET
GEGDGEAYNLNIVFPPDTPFSIWSQGLEKACERIRTFAPDALVVALGVDTFEEDPISFFKLTSGDYLKLGKRLEQLGLPT
VFTMEGGYDVDAIGVNAVNVMQGFEGKS
;
_entity_poly.pdbx_strand_id   A,B
#
# COMPACT_ATOMS: atom_id res chain seq x y z
N LEU A 3 -30.33 -37.39 -7.30
CA LEU A 3 -29.47 -36.21 -7.37
C LEU A 3 -28.34 -36.42 -8.35
N GLY A 4 -28.22 -35.51 -9.33
CA GLY A 4 -27.11 -35.57 -10.25
C GLY A 4 -25.77 -35.50 -9.55
N SER A 5 -24.73 -35.91 -10.26
CA SER A 5 -23.39 -35.95 -9.69
C SER A 5 -22.55 -34.83 -10.28
N MET A 6 -21.63 -34.32 -9.46
CA MET A 6 -20.66 -33.32 -9.89
C MET A 6 -19.30 -33.75 -9.36
N LYS A 7 -18.29 -33.70 -10.22
CA LYS A 7 -16.93 -34.01 -9.79
C LYS A 7 -16.30 -32.81 -9.10
N THR A 8 -15.48 -33.08 -8.09
CA THR A 8 -14.75 -32.05 -7.38
C THR A 8 -13.26 -32.29 -7.56
N VAL A 9 -12.50 -31.22 -7.82
CA VAL A 9 -11.04 -31.30 -7.94
C VAL A 9 -10.44 -30.63 -6.72
N PHE A 10 -9.53 -31.34 -6.04
CA PHE A 10 -8.99 -30.91 -4.75
C PHE A 10 -7.52 -31.29 -4.66
N SER A 11 -6.70 -30.37 -4.12
CA SER A 11 -5.29 -30.63 -3.93
C SER A 11 -4.94 -30.62 -2.46
N PRO A 12 -4.42 -31.71 -1.89
CA PRO A 12 -3.92 -31.65 -0.50
C PRO A 12 -2.79 -30.65 -0.32
N LEU A 13 -2.14 -30.22 -1.41
CA LEU A 13 -1.05 -29.24 -1.33
C LEU A 13 -1.54 -27.87 -0.92
N HIS A 14 -2.86 -27.67 -0.85
CA HIS A 14 -3.37 -26.43 -0.31
C HIS A 14 -2.84 -26.20 1.10
N SER A 15 -2.59 -27.27 1.86
CA SER A 15 -2.17 -27.11 3.23
C SER A 15 -0.74 -26.58 3.33
N ARG A 16 -0.02 -26.52 2.22
CA ARG A 16 1.30 -25.92 2.23
C ARG A 16 1.22 -24.43 2.55
N ARG A 17 0.10 -23.79 2.25
CA ARG A 17 -0.12 -22.41 2.66
C ARG A 17 -0.86 -22.43 4.00
N HIS A 18 -0.16 -22.03 5.05
CA HIS A 18 -0.59 -22.10 6.43
C HIS A 18 0.13 -20.98 7.17
N VAL A 19 -0.21 -19.74 6.82
CA VAL A 19 0.41 -18.58 7.43
C VAL A 19 -0.17 -18.36 8.83
N LYS A 20 0.62 -17.68 9.67
CA LYS A 20 0.24 -17.47 11.05
C LYS A 20 -0.23 -16.05 11.34
N THR A 21 -0.03 -15.11 10.42
CA THR A 21 -0.29 -13.70 10.71
C THR A 21 -1.06 -13.04 9.58
N GLU A 22 -2.04 -12.22 9.96
CA GLU A 22 -2.79 -11.37 9.05
C GLU A 22 -2.90 -9.99 9.66
N LEU A 23 -2.46 -8.97 8.94
CA LEU A 23 -2.66 -7.61 9.40
C LEU A 23 -4.15 -7.27 9.31
N ASP A 24 -4.72 -6.85 10.43
CA ASP A 24 -6.15 -6.52 10.50
C ASP A 24 -6.36 -5.54 11.64
N GLY A 25 -6.77 -4.32 11.31
CA GLY A 25 -7.11 -3.34 12.33
C GLY A 25 -5.94 -2.94 13.20
N GLY A 26 -4.76 -2.81 12.62
CA GLY A 26 -3.58 -2.44 13.38
C GLY A 26 -2.94 -3.55 14.19
N LEU A 27 -3.43 -4.78 14.04
CA LEU A 27 -2.90 -5.93 14.77
C LEU A 27 -2.49 -7.02 13.79
N LEU A 28 -1.68 -7.96 14.29
CA LEU A 28 -1.40 -9.19 13.55
C LEU A 28 -2.26 -10.29 14.18
N ILE A 29 -3.28 -10.71 13.45
CA ILE A 29 -4.29 -11.62 13.96
C ILE A 29 -4.15 -12.98 13.29
N GLU A 30 -4.93 -13.95 13.77
CA GLU A 30 -4.97 -15.26 13.15
C GLU A 30 -5.70 -15.15 11.81
N PRO A 31 -5.12 -15.65 10.72
CA PRO A 31 -5.72 -15.41 9.40
C PRO A 31 -7.07 -16.08 9.24
N HIS A 32 -7.94 -15.41 8.47
CA HIS A 32 -9.27 -15.90 8.16
C HIS A 32 -9.24 -17.02 7.13
N GLU A 33 -8.35 -16.88 6.15
CA GLU A 33 -8.33 -17.78 5.00
C GLU A 33 -7.48 -19.00 5.35
N LYS A 34 -8.06 -19.90 6.14
CA LYS A 34 -7.29 -20.95 6.80
C LYS A 34 -7.53 -22.32 6.16
N PRO A 35 -6.62 -23.29 6.40
CA PRO A 35 -6.75 -24.60 5.76
C PRO A 35 -8.03 -25.31 6.09
N SER A 36 -8.58 -25.08 7.28
CA SER A 36 -9.81 -25.76 7.65
C SER A 36 -10.97 -25.41 6.73
N ARG A 37 -10.89 -24.28 6.01
CA ARG A 37 -11.92 -23.94 5.03
C ARG A 37 -12.05 -25.03 3.99
N ALA A 38 -10.93 -25.41 3.37
CA ALA A 38 -10.95 -26.40 2.30
C ALA A 38 -11.25 -27.79 2.84
N GLU A 39 -10.70 -28.13 4.01
CA GLU A 39 -10.95 -29.44 4.58
C GLU A 39 -12.42 -29.60 4.99
N THR A 40 -13.02 -28.53 5.53
CA THR A 40 -14.43 -28.60 5.91
C THR A 40 -15.33 -28.79 4.68
N ILE A 41 -14.99 -28.10 3.59
CA ILE A 41 -15.75 -28.27 2.35
C ILE A 41 -15.59 -29.70 1.83
N LEU A 42 -14.34 -30.15 1.63
CA LEU A 42 -14.10 -31.50 1.12
C LEU A 42 -14.81 -32.55 1.97
N ALA A 43 -14.75 -32.42 3.30
CA ALA A 43 -15.44 -33.37 4.16
C ALA A 43 -16.93 -33.41 3.87
N ARG A 44 -17.53 -32.26 3.55
CA ARG A 44 -18.94 -32.25 3.18
C ARG A 44 -19.16 -32.87 1.81
N VAL A 45 -18.20 -32.68 0.89
CA VAL A 45 -18.30 -33.29 -0.44
C VAL A 45 -18.34 -34.81 -0.31
N LYS A 46 -17.50 -35.36 0.56
CA LYS A 46 -17.52 -36.81 0.76
C LYS A 46 -18.78 -37.24 1.51
N ASP A 47 -19.17 -36.49 2.54
CA ASP A 47 -20.33 -36.90 3.34
C ASP A 47 -21.61 -36.89 2.51
N GLN A 48 -21.74 -35.94 1.60
CA GLN A 48 -22.90 -35.84 0.73
C GLN A 48 -22.78 -36.69 -0.53
N ALA A 49 -21.64 -37.35 -0.73
CA ALA A 49 -21.40 -38.18 -1.92
C ALA A 49 -21.70 -37.40 -3.20
N LEU A 50 -21.20 -36.16 -3.24
CA LEU A 50 -21.53 -35.26 -4.35
C LEU A 50 -21.11 -35.85 -5.68
N GLY A 51 -19.97 -36.53 -5.70
CA GLY A 51 -19.43 -37.10 -6.92
C GLY A 51 -17.98 -37.47 -6.73
N GLU A 52 -17.33 -37.82 -7.83
CA GLU A 52 -15.94 -38.22 -7.79
C GLU A 52 -15.06 -37.05 -7.36
N ILE A 53 -14.00 -37.37 -6.63
CA ILE A 53 -13.03 -36.38 -6.17
C ILE A 53 -11.69 -36.70 -6.81
N LEU A 54 -11.16 -35.75 -7.57
CA LEU A 54 -9.92 -35.90 -8.32
C LEU A 54 -8.84 -34.98 -7.76
N GLU A 55 -7.59 -35.45 -7.85
CA GLU A 55 -6.46 -34.55 -7.72
C GLU A 55 -6.23 -33.83 -9.05
N PRO A 56 -5.60 -32.65 -9.03
CA PRO A 56 -5.34 -31.95 -10.29
C PRO A 56 -4.19 -32.56 -11.06
N GLU A 57 -4.22 -32.34 -12.38
CA GLU A 57 -3.04 -32.50 -13.21
C GLU A 57 -2.10 -31.31 -13.08
N GLU A 58 -0.82 -31.54 -13.36
CA GLU A 58 0.17 -30.48 -13.39
C GLU A 58 0.19 -29.92 -14.82
N PHE A 59 -0.32 -28.69 -14.99
CA PHE A 59 -0.32 -28.05 -16.30
C PHE A 59 0.90 -27.16 -16.54
N GLY A 60 1.71 -26.88 -15.53
CA GLY A 60 2.79 -25.93 -15.67
C GLY A 60 2.33 -24.47 -15.69
N LEU A 61 3.29 -23.58 -15.91
CA LEU A 61 3.02 -22.15 -15.83
C LEU A 61 2.47 -21.54 -17.12
N GLY A 62 2.41 -22.29 -18.21
CA GLY A 62 1.90 -21.76 -19.46
C GLY A 62 0.51 -21.14 -19.32
N PRO A 63 -0.47 -21.94 -18.92
CA PRO A 63 -1.83 -21.40 -18.76
C PRO A 63 -1.93 -20.31 -17.71
N VAL A 64 -1.06 -20.36 -16.69
CA VAL A 64 -1.01 -19.29 -15.70
C VAL A 64 -0.58 -17.99 -16.36
N LYS A 65 0.45 -18.06 -17.20
CA LYS A 65 1.04 -16.90 -17.88
C LYS A 65 0.23 -16.42 -19.07
N ARG A 66 -0.86 -17.10 -19.44
CA ARG A 66 -1.80 -16.46 -20.33
C ARG A 66 -2.55 -15.32 -19.64
N VAL A 67 -2.56 -15.33 -18.31
CA VAL A 67 -3.23 -14.32 -17.53
C VAL A 67 -2.25 -13.43 -16.77
N HIS A 68 -1.21 -14.02 -16.18
CA HIS A 68 -0.31 -13.27 -15.32
C HIS A 68 1.02 -13.01 -16.01
N THR A 69 1.65 -11.90 -15.66
CA THR A 69 2.92 -11.55 -16.28
C THR A 69 4.04 -12.46 -15.79
N ALA A 70 5.06 -12.62 -16.64
CA ALA A 70 6.18 -13.49 -16.30
C ALA A 70 6.96 -12.94 -15.11
N ASP A 71 7.03 -11.61 -14.99
CA ASP A 71 7.76 -11.02 -13.88
C ASP A 71 7.03 -11.25 -12.56
N TYR A 72 5.70 -11.21 -12.59
CA TYR A 72 4.93 -11.50 -11.39
C TYR A 72 5.05 -12.96 -10.98
N VAL A 73 4.91 -13.88 -11.95
CA VAL A 73 5.08 -15.30 -11.65
C VAL A 73 6.47 -15.55 -11.10
N SER A 74 7.48 -14.92 -11.68
CA SER A 74 8.83 -15.02 -11.15
C SER A 74 8.89 -14.57 -9.70
N PHE A 75 8.28 -13.42 -9.41
CA PHE A 75 8.36 -12.86 -8.07
C PHE A 75 7.72 -13.78 -7.04
N LEU A 76 6.58 -14.39 -7.36
CA LEU A 76 5.94 -15.27 -6.38
C LEU A 76 6.78 -16.51 -6.10
N GLU A 77 7.57 -16.97 -7.07
CA GLU A 77 8.39 -18.15 -6.84
C GLU A 77 9.55 -17.84 -5.90
N THR A 78 10.16 -16.66 -6.03
CA THR A 78 11.35 -16.36 -5.24
C THR A 78 11.09 -15.52 -3.99
N CYS A 79 9.85 -15.02 -3.80
CA CYS A 79 9.61 -13.99 -2.78
C CYS A 79 10.03 -14.45 -1.40
N TRP A 80 9.63 -15.65 -1.00
CA TRP A 80 9.93 -16.07 0.38
C TRP A 80 11.42 -16.24 0.59
N ASP A 81 12.11 -16.90 -0.36
CA ASP A 81 13.54 -17.12 -0.20
C ASP A 81 14.30 -15.81 -0.14
N GLU A 82 13.88 -14.82 -0.94
CA GLU A 82 14.52 -13.51 -0.86
C GLU A 82 14.21 -12.80 0.46
N TRP A 83 12.97 -12.94 0.96
CA TRP A 83 12.61 -12.33 2.24
C TRP A 83 13.46 -12.88 3.37
N VAL A 84 13.65 -14.20 3.42
CA VAL A 84 14.43 -14.78 4.49
C VAL A 84 15.92 -14.45 4.30
N ALA A 85 16.40 -14.49 3.07
CA ALA A 85 17.81 -14.17 2.83
C ALA A 85 18.13 -12.72 3.13
N ALA A 86 17.15 -11.83 3.10
CA ALA A 86 17.35 -10.43 3.41
C ALA A 86 17.21 -10.12 4.89
N GLY A 87 16.99 -11.14 5.74
CA GLY A 87 17.07 -10.97 7.17
C GLY A 87 15.74 -10.74 7.89
N LYS A 88 14.63 -10.68 7.17
CA LYS A 88 13.35 -10.39 7.81
C LYS A 88 12.91 -11.54 8.69
N ARG A 89 12.33 -11.20 9.85
CA ARG A 89 12.00 -12.19 10.88
C ARG A 89 10.53 -12.59 10.92
N GLY A 90 9.63 -11.80 10.33
CA GLY A 90 8.23 -12.17 10.26
C GLY A 90 7.89 -12.83 8.93
N GLU A 91 6.59 -13.05 8.73
CA GLU A 91 6.17 -13.49 7.40
C GLU A 91 6.32 -12.32 6.42
N ALA A 92 6.26 -12.64 5.13
CA ALA A 92 6.48 -11.64 4.09
C ALA A 92 5.24 -10.77 3.95
N ILE A 93 5.37 -9.49 4.30
CA ILE A 93 4.28 -8.51 4.34
C ILE A 93 4.80 -7.21 3.76
N PRO A 94 4.09 -6.59 2.83
CA PRO A 94 4.55 -5.29 2.31
C PRO A 94 4.45 -4.21 3.36
N THR A 95 5.44 -3.32 3.35
CA THR A 95 5.52 -2.17 4.24
C THR A 95 5.24 -0.85 3.54
N PHE A 96 5.56 -0.75 2.25
CA PHE A 96 5.35 0.47 1.48
C PHE A 96 5.07 0.09 0.04
N TRP A 97 4.47 1.01 -0.70
CA TRP A 97 3.94 0.66 -2.01
C TRP A 97 4.01 1.88 -2.91
N VAL A 98 3.56 1.72 -4.15
CA VAL A 98 3.52 2.85 -5.09
C VAL A 98 2.37 3.77 -4.69
N GLY A 99 2.67 4.81 -3.92
CA GLY A 99 1.65 5.76 -3.54
C GLY A 99 1.21 6.62 -4.71
N ARG A 100 0.06 7.26 -4.53
CA ARG A 100 -0.39 8.24 -5.52
C ARG A 100 0.66 9.33 -5.69
N GLY A 101 1.14 9.51 -6.92
CA GLY A 101 2.17 10.46 -7.22
C GLY A 101 3.55 9.86 -7.39
N MET A 102 3.70 8.58 -7.11
CA MET A 102 4.98 7.89 -7.29
C MET A 102 4.97 7.11 -8.59
N ARG A 103 6.14 6.63 -8.98
CA ARG A 103 6.30 5.94 -10.25
C ARG A 103 6.01 4.45 -10.10
N ALA A 104 5.28 3.89 -11.07
CA ALA A 104 5.09 2.44 -11.16
C ALA A 104 6.35 1.84 -11.78
N ARG A 105 7.41 1.85 -10.98
CA ARG A 105 8.74 1.39 -11.41
C ARG A 105 9.19 0.23 -10.53
N LEU A 106 9.55 -0.88 -11.16
CA LEU A 106 9.92 -2.06 -10.40
C LEU A 106 11.31 -1.91 -9.79
N PRO A 107 11.44 -1.95 -8.47
CA PRO A 107 12.75 -1.79 -7.82
C PRO A 107 13.45 -3.14 -7.70
N LYS A 108 14.75 -3.07 -7.36
CA LYS A 108 15.53 -4.27 -7.05
C LYS A 108 15.17 -4.85 -5.69
N ASP A 109 14.99 -3.99 -4.69
CA ASP A 109 14.80 -4.43 -3.29
C ASP A 109 13.55 -5.29 -3.13
N ILE A 110 13.63 -6.25 -2.19
CA ILE A 110 12.54 -7.21 -2.03
C ILE A 110 11.33 -6.56 -1.37
N ASP A 111 11.54 -5.64 -0.42
CA ASP A 111 10.41 -4.90 0.13
C ASP A 111 9.74 -4.08 -0.96
N GLY A 112 10.54 -3.40 -1.77
CA GLY A 112 9.98 -2.59 -2.83
C GLY A 112 9.15 -3.41 -3.79
N ARG A 113 9.65 -4.59 -4.16
CA ARG A 113 8.88 -5.44 -5.07
C ARG A 113 7.62 -5.98 -4.40
N LEU A 114 7.73 -6.37 -3.12
CA LEU A 114 6.53 -6.76 -2.37
C LEU A 114 5.44 -5.71 -2.50
N GLY A 115 5.78 -4.44 -2.30
CA GLY A 115 4.78 -3.40 -2.42
C GLY A 115 4.34 -3.16 -3.85
N TYR A 116 5.30 -3.18 -4.78
CA TYR A 116 4.97 -3.02 -6.20
C TYR A 116 3.89 -4.01 -6.63
N TYR A 117 4.00 -5.27 -6.19
CA TYR A 117 3.13 -6.34 -6.67
C TYR A 117 1.91 -6.58 -5.78
N SER A 118 1.56 -5.67 -4.87
CA SER A 118 0.44 -5.94 -3.98
C SER A 118 -0.55 -4.79 -3.97
N LEU A 119 -1.77 -5.10 -3.51
CA LEU A 119 -2.76 -4.09 -3.20
C LEU A 119 -3.16 -4.07 -1.72
N GLY A 120 -2.57 -4.93 -0.90
CA GLY A 120 -2.91 -4.96 0.51
C GLY A 120 -1.83 -5.62 1.33
N ALA A 121 -1.91 -5.40 2.65
CA ALA A 121 -0.93 -5.94 3.59
C ALA A 121 -1.48 -7.10 4.41
N ASP A 122 -2.65 -7.63 4.06
CA ASP A 122 -3.30 -8.67 4.85
C ASP A 122 -3.08 -10.06 4.28
N THR A 123 -2.20 -10.20 3.29
CA THR A 123 -2.03 -11.46 2.58
C THR A 123 -0.56 -11.86 2.74
N SER A 124 -0.25 -12.39 3.92
CA SER A 124 1.13 -12.77 4.25
C SER A 124 1.59 -13.91 3.35
N ILE A 125 2.86 -13.86 2.95
CA ILE A 125 3.48 -14.92 2.16
C ILE A 125 4.48 -15.63 3.06
N SER A 126 4.58 -16.95 2.92
CA SER A 126 5.62 -17.70 3.64
C SER A 126 5.92 -18.99 2.87
N ASP A 127 6.67 -19.88 3.51
CA ASP A 127 7.02 -21.12 2.84
C ASP A 127 5.76 -21.89 2.43
N GLY A 128 5.75 -22.40 1.21
CA GLY A 128 4.63 -23.15 0.70
C GLY A 128 3.59 -22.34 -0.03
N THR A 129 3.61 -21.02 0.09
CA THR A 129 2.63 -20.18 -0.61
C THR A 129 2.73 -20.39 -2.11
N TRP A 130 3.96 -20.45 -2.64
CA TRP A 130 4.18 -20.70 -4.05
C TRP A 130 3.58 -22.03 -4.48
N GLU A 131 3.93 -23.11 -3.77
CA GLU A 131 3.43 -24.44 -4.09
C GLU A 131 1.91 -24.50 -4.03
N ALA A 132 1.32 -23.87 -3.01
CA ALA A 132 -0.14 -23.93 -2.84
C ALA A 132 -0.87 -23.10 -3.88
N ALA A 133 -0.36 -21.90 -4.19
CA ALA A 133 -0.96 -21.11 -5.25
C ALA A 133 -0.83 -21.81 -6.61
N ARG A 134 0.31 -22.47 -6.84
CA ARG A 134 0.46 -23.30 -8.04
C ARG A 134 -0.57 -24.41 -8.07
N ALA A 135 -0.76 -25.11 -6.96
CA ALA A 135 -1.72 -26.22 -6.95
C ALA A 135 -3.13 -25.72 -7.17
N SER A 136 -3.47 -24.54 -6.62
CA SER A 136 -4.82 -24.03 -6.77
C SER A 136 -5.13 -23.70 -8.22
N ALA A 137 -4.16 -23.13 -8.94
CA ALA A 137 -4.36 -22.87 -10.37
C ALA A 137 -4.61 -24.18 -11.12
N ASN A 138 -3.87 -25.24 -10.78
CA ASN A 138 -4.05 -26.54 -11.43
C ASN A 138 -5.40 -27.17 -11.10
N VAL A 139 -5.95 -26.84 -9.92
CA VAL A 139 -7.29 -27.32 -9.57
C VAL A 139 -8.32 -26.69 -10.48
N ALA A 140 -8.28 -25.37 -10.63
CA ALA A 140 -9.11 -24.68 -11.62
C ALA A 140 -8.93 -25.26 -13.02
N LEU A 141 -7.68 -25.43 -13.48
CA LEU A 141 -7.44 -25.92 -14.84
C LEU A 141 -7.93 -27.35 -15.04
N THR A 142 -7.78 -28.21 -14.02
CA THR A 142 -8.27 -29.58 -14.18
C THR A 142 -9.79 -29.60 -14.23
N ALA A 143 -10.43 -28.72 -13.46
CA ALA A 143 -11.88 -28.61 -13.53
C ALA A 143 -12.33 -28.07 -14.89
N GLN A 144 -11.60 -27.10 -15.45
CA GLN A 144 -11.89 -26.66 -16.81
C GLN A 144 -11.75 -27.83 -17.79
N LYS A 145 -10.68 -28.62 -17.63
CA LYS A 145 -10.49 -29.77 -18.50
C LYS A 145 -11.64 -30.76 -18.40
N LEU A 146 -12.10 -31.05 -17.18
CA LEU A 146 -13.24 -31.94 -16.99
C LEU A 146 -14.45 -31.45 -17.78
N VAL A 147 -14.73 -30.15 -17.73
CA VAL A 147 -15.92 -29.61 -18.39
C VAL A 147 -15.72 -29.60 -19.89
N ALA A 148 -14.54 -29.20 -20.37
CA ALA A 148 -14.28 -29.16 -21.79
C ALA A 148 -14.34 -30.54 -22.43
N GLU A 149 -14.08 -31.60 -21.66
CA GLU A 149 -14.10 -32.96 -22.18
C GLU A 149 -15.42 -33.68 -21.92
N GLY A 150 -16.50 -32.95 -21.68
CA GLY A 150 -17.80 -33.60 -21.60
C GLY A 150 -18.63 -33.37 -20.34
N GLU A 151 -17.99 -33.13 -19.20
CA GLU A 151 -18.76 -32.90 -17.99
C GLU A 151 -19.52 -31.59 -18.08
N ARG A 152 -20.77 -31.59 -17.58
CA ARG A 152 -21.58 -30.39 -17.59
C ARG A 152 -21.00 -29.34 -16.65
N ALA A 153 -20.49 -29.77 -15.49
CA ALA A 153 -19.96 -28.86 -14.50
C ALA A 153 -18.88 -29.58 -13.70
N ALA A 154 -18.06 -28.79 -13.03
CA ALA A 154 -17.04 -29.33 -12.16
C ALA A 154 -16.72 -28.28 -11.11
N PHE A 155 -16.45 -28.73 -9.88
CA PHE A 155 -16.18 -27.88 -8.73
C PHE A 155 -14.67 -27.85 -8.48
N ALA A 156 -14.06 -26.69 -8.68
CA ALA A 156 -12.63 -26.50 -8.41
C ALA A 156 -12.50 -26.02 -6.98
N LEU A 157 -12.16 -26.94 -6.07
CA LEU A 157 -12.07 -26.59 -4.65
C LEU A 157 -10.72 -25.91 -4.42
N CYS A 158 -10.66 -24.65 -4.84
CA CYS A 158 -9.42 -23.88 -4.81
C CYS A 158 -9.13 -23.34 -3.43
N ARG A 159 -7.87 -23.39 -3.03
CA ARG A 159 -7.36 -22.64 -1.90
C ARG A 159 -5.85 -22.55 -2.10
N PRO A 160 -5.26 -21.35 -2.18
CA PRO A 160 -5.93 -20.07 -1.93
C PRO A 160 -6.87 -19.61 -3.06
N PRO A 161 -7.78 -18.69 -2.74
CA PRO A 161 -8.70 -18.18 -3.77
C PRO A 161 -8.00 -17.30 -4.79
N GLY A 162 -8.74 -16.74 -5.75
CA GLY A 162 -8.09 -16.04 -6.84
C GLY A 162 -8.61 -14.69 -7.31
N HIS A 163 -9.87 -14.34 -7.00
CA HIS A 163 -10.54 -13.32 -7.80
C HIS A 163 -10.02 -11.90 -7.57
N HIS A 164 -9.18 -11.68 -6.57
CA HIS A 164 -8.63 -10.35 -6.38
C HIS A 164 -7.31 -10.12 -7.10
N ALA A 165 -6.67 -11.18 -7.60
CA ALA A 165 -5.36 -11.06 -8.21
C ALA A 165 -5.48 -10.49 -9.63
N HIS A 166 -4.78 -9.39 -9.89
CA HIS A 166 -4.63 -8.85 -11.23
C HIS A 166 -3.53 -9.62 -11.96
N ALA A 167 -3.27 -9.24 -13.21
CA ALA A 167 -2.18 -9.84 -13.96
C ALA A 167 -0.87 -9.83 -13.17
N ASP A 168 -0.60 -8.72 -12.45
CA ASP A 168 0.64 -8.64 -11.67
C ASP A 168 0.42 -8.02 -10.28
N VAL A 169 -0.73 -8.27 -9.65
CA VAL A 169 -1.00 -7.78 -8.30
C VAL A 169 -1.66 -8.88 -7.51
N PHE A 170 -1.12 -9.19 -6.34
CA PHE A 170 -1.77 -10.09 -5.39
C PHE A 170 -2.36 -9.29 -4.23
N GLY A 171 -3.29 -9.92 -3.53
CA GLY A 171 -3.97 -9.30 -2.40
C GLY A 171 -5.32 -9.95 -2.17
N GLY A 172 -5.91 -9.59 -1.03
CA GLY A 172 -7.19 -10.17 -0.65
C GLY A 172 -7.15 -11.69 -0.60
N TYR A 173 -6.02 -12.26 -0.20
CA TYR A 173 -5.79 -13.67 0.02
C TYR A 173 -5.52 -14.40 -1.29
N CYS A 174 -5.44 -13.70 -2.42
CA CYS A 174 -5.35 -14.31 -3.75
C CYS A 174 -3.99 -14.06 -4.40
N PHE A 175 -3.48 -15.06 -5.12
CA PHE A 175 -2.19 -14.94 -5.78
C PHE A 175 -2.30 -15.14 -7.30
N PHE A 176 -2.86 -16.25 -7.74
CA PHE A 176 -3.21 -16.44 -9.13
C PHE A 176 -4.73 -16.36 -9.23
N ASN A 177 -5.24 -15.78 -10.31
CA ASN A 177 -6.68 -15.61 -10.49
C ASN A 177 -7.23 -16.85 -11.17
N ASN A 178 -7.63 -17.83 -10.35
CA ASN A 178 -7.99 -19.15 -10.88
C ASN A 178 -9.17 -19.08 -11.84
N ALA A 179 -10.14 -18.21 -11.56
CA ALA A 179 -11.30 -18.07 -12.45
C ALA A 179 -10.89 -17.46 -13.79
N ALA A 180 -10.02 -16.45 -13.77
CA ALA A 180 -9.50 -15.89 -15.01
C ALA A 180 -8.69 -16.92 -15.79
N ILE A 181 -7.89 -17.72 -15.08
CA ILE A 181 -7.10 -18.75 -15.74
C ILE A 181 -8.02 -19.77 -16.40
N ALA A 182 -9.08 -20.18 -15.68
CA ALA A 182 -10.06 -21.10 -16.26
C ALA A 182 -10.75 -20.48 -17.47
N ALA A 183 -11.18 -19.22 -17.34
CA ALA A 183 -11.84 -18.55 -18.46
C ALA A 183 -10.92 -18.44 -19.67
N GLN A 184 -9.68 -18.02 -19.45
CA GLN A 184 -8.73 -17.94 -20.56
C GLN A 184 -8.49 -19.32 -21.17
N ALA A 185 -8.47 -20.37 -20.34
CA ALA A 185 -8.28 -21.71 -20.88
C ALA A 185 -9.43 -22.10 -21.81
N PHE A 186 -10.66 -21.74 -21.44
CA PHE A 186 -11.77 -21.96 -22.37
C PHE A 186 -11.51 -21.25 -23.70
N ARG A 187 -11.08 -19.98 -23.63
CA ARG A 187 -10.86 -19.21 -24.85
C ARG A 187 -9.76 -19.82 -25.72
N ASP A 188 -8.65 -20.23 -25.11
CA ASP A 188 -7.56 -20.86 -25.84
C ASP A 188 -7.97 -22.19 -26.45
N GLN A 189 -9.04 -22.81 -25.98
CA GLN A 189 -9.46 -24.10 -26.49
C GLN A 189 -10.59 -23.98 -27.49
N GLY A 190 -10.90 -22.78 -27.93
CA GLY A 190 -11.87 -22.59 -28.98
C GLY A 190 -13.26 -22.23 -28.54
N TYR A 191 -13.48 -21.98 -27.26
CA TYR A 191 -14.71 -21.38 -26.78
C TYR A 191 -14.68 -19.89 -27.10
N GLY A 192 -15.58 -19.43 -27.97
CA GLY A 192 -15.49 -18.07 -28.47
C GLY A 192 -15.81 -17.03 -27.42
N LYS A 193 -16.80 -17.29 -26.58
CA LYS A 193 -17.23 -16.38 -25.53
C LYS A 193 -17.30 -17.10 -24.19
N VAL A 194 -16.80 -16.44 -23.14
CA VAL A 194 -16.85 -16.96 -21.78
C VAL A 194 -17.35 -15.86 -20.86
N ALA A 195 -18.26 -16.21 -19.95
CA ALA A 195 -18.72 -15.29 -18.93
C ALA A 195 -18.14 -15.74 -17.59
N VAL A 196 -17.73 -14.77 -16.78
CA VAL A 196 -17.24 -15.03 -15.43
C VAL A 196 -18.17 -14.31 -14.47
N LEU A 197 -18.89 -15.08 -13.66
CA LEU A 197 -19.89 -14.53 -12.75
C LEU A 197 -19.34 -14.68 -11.34
N ASP A 198 -19.17 -13.55 -10.66
CA ASP A 198 -18.57 -13.52 -9.33
C ASP A 198 -19.68 -13.28 -8.30
N VAL A 199 -20.00 -14.31 -7.52
CA VAL A 199 -21.01 -14.21 -6.48
C VAL A 199 -20.41 -14.16 -5.10
N ASP A 200 -19.08 -14.17 -4.99
CA ASP A 200 -18.39 -13.85 -3.75
C ASP A 200 -18.86 -12.49 -3.23
N PHE A 201 -18.88 -12.35 -1.90
CA PHE A 201 -19.30 -11.08 -1.28
C PHE A 201 -18.50 -9.88 -1.78
N HIS A 202 -17.23 -10.08 -2.15
CA HIS A 202 -16.35 -8.98 -2.53
C HIS A 202 -16.25 -8.86 -4.05
N HIS A 203 -15.96 -7.64 -4.50
CA HIS A 203 -15.77 -7.41 -5.92
C HIS A 203 -14.59 -8.25 -6.42
N GLY A 204 -14.79 -8.93 -7.55
CA GLY A 204 -13.73 -9.62 -8.28
C GLY A 204 -12.89 -8.66 -9.10
N ASN A 205 -12.16 -7.81 -8.40
CA ASN A 205 -11.45 -6.71 -9.07
C ASN A 205 -10.34 -7.20 -9.97
N GLY A 206 -9.67 -8.29 -9.59
CA GLY A 206 -8.64 -8.84 -10.46
C GLY A 206 -9.21 -9.33 -11.77
N THR A 207 -10.32 -10.09 -11.68
CA THR A 207 -11.01 -10.57 -12.87
C THR A 207 -11.47 -9.40 -13.74
N GLN A 208 -12.09 -8.39 -13.10
CA GLN A 208 -12.46 -7.19 -13.86
C GLN A 208 -11.27 -6.62 -14.61
N ALA A 209 -10.15 -6.40 -13.91
CA ALA A 209 -9.00 -5.78 -14.56
C ALA A 209 -8.42 -6.66 -15.66
N ILE A 210 -8.41 -7.98 -15.48
CA ILE A 210 -7.73 -8.83 -16.45
C ILE A 210 -8.44 -8.78 -17.81
N PHE A 211 -9.77 -8.73 -17.82
CA PHE A 211 -10.52 -8.69 -19.07
C PHE A 211 -11.15 -7.32 -19.37
N TYR A 212 -10.66 -6.25 -18.73
CA TYR A 212 -11.40 -4.98 -18.76
C TYR A 212 -11.52 -4.39 -20.16
N ASP A 213 -10.55 -4.62 -21.04
CA ASP A 213 -10.58 -4.07 -22.39
C ASP A 213 -11.00 -5.10 -23.43
N ARG A 214 -11.64 -6.19 -23.02
CA ARG A 214 -11.99 -7.27 -23.90
C ARG A 214 -13.49 -7.49 -23.91
N SER A 215 -14.00 -7.90 -25.06
CA SER A 215 -15.40 -8.24 -25.22
C SER A 215 -15.64 -9.73 -25.40
N ASP A 216 -14.58 -10.53 -25.52
CA ASP A 216 -14.78 -11.97 -25.59
C ASP A 216 -15.00 -12.62 -24.23
N VAL A 217 -14.71 -11.92 -23.14
CA VAL A 217 -14.90 -12.44 -21.78
C VAL A 217 -15.73 -11.45 -20.97
N LEU A 218 -17.00 -11.79 -20.75
CA LEU A 218 -17.92 -10.98 -19.95
C LEU A 218 -17.67 -11.21 -18.47
N THR A 219 -17.39 -10.14 -17.72
CA THR A 219 -17.15 -10.22 -16.28
C THR A 219 -18.27 -9.51 -15.55
N ILE A 220 -18.92 -10.22 -14.62
CA ILE A 220 -19.99 -9.68 -13.79
C ILE A 220 -19.68 -10.01 -12.35
N SER A 221 -19.88 -9.05 -11.45
CA SER A 221 -19.69 -9.27 -10.02
C SER A 221 -20.86 -8.69 -9.24
N LEU A 222 -21.36 -9.47 -8.28
CA LEU A 222 -22.24 -8.97 -7.22
C LEU A 222 -21.41 -8.87 -5.96
N HIS A 223 -21.49 -7.74 -5.27
CA HIS A 223 -20.62 -7.58 -4.10
C HIS A 223 -21.09 -6.43 -3.23
N GLY A 224 -20.62 -6.42 -1.98
CA GLY A 224 -20.85 -5.29 -1.11
C GLY A 224 -20.25 -4.01 -1.67
N ASP A 225 -20.90 -2.90 -1.36
CA ASP A 225 -20.48 -1.56 -1.79
C ASP A 225 -19.01 -1.29 -1.47
N PRO A 226 -18.15 -1.06 -2.47
CA PRO A 226 -16.73 -0.80 -2.18
C PRO A 226 -16.47 0.54 -1.53
N ASP A 227 -17.42 1.47 -1.57
CA ASP A 227 -17.32 2.62 -0.66
C ASP A 227 -17.17 2.16 0.79
N LEU A 228 -17.67 0.97 1.12
CA LEU A 228 -17.70 0.48 2.49
C LEU A 228 -16.75 -0.67 2.77
N VAL A 229 -16.43 -1.51 1.79
CA VAL A 229 -15.67 -2.73 2.02
C VAL A 229 -14.60 -2.87 0.96
N PHE A 230 -13.68 -3.78 1.24
CA PHE A 230 -12.65 -4.17 0.30
C PHE A 230 -13.29 -4.68 -1.00
N PRO A 231 -12.69 -4.38 -2.18
CA PRO A 231 -11.38 -3.76 -2.44
C PRO A 231 -11.32 -2.22 -2.51
N HIS A 232 -12.42 -1.54 -2.19
CA HIS A 232 -12.52 -0.07 -2.09
C HIS A 232 -12.28 0.71 -3.38
N PHE A 233 -11.30 0.34 -4.19
CA PHE A 233 -10.89 1.22 -5.29
C PHE A 233 -11.27 0.69 -6.66
N LEU A 234 -12.02 -0.42 -6.70
CA LEU A 234 -12.71 -0.89 -7.88
C LEU A 234 -14.03 -1.48 -7.43
N GLY A 235 -14.90 -1.82 -8.38
CA GLY A 235 -16.17 -2.46 -8.05
C GLY A 235 -17.39 -1.57 -8.13
N PHE A 236 -17.23 -0.32 -8.51
CA PHE A 236 -18.37 0.57 -8.61
C PHE A 236 -19.14 0.32 -9.89
N GLU A 237 -20.44 0.65 -9.85
CA GLU A 237 -21.35 0.33 -10.94
C GLU A 237 -21.05 1.10 -12.21
N ASP A 238 -20.33 2.22 -12.12
CA ASP A 238 -19.97 2.95 -13.34
C ASP A 238 -18.77 2.35 -14.06
N GLU A 239 -18.21 1.25 -13.56
CA GLU A 239 -17.08 0.60 -14.24
C GLU A 239 -17.65 -0.44 -15.19
N THR A 240 -17.92 -0.02 -16.43
CA THR A 240 -18.58 -0.87 -17.42
C THR A 240 -17.63 -1.42 -18.49
N GLY A 241 -16.33 -1.15 -18.41
CA GLY A 241 -15.37 -1.61 -19.41
C GLY A 241 -14.66 -0.49 -20.14
N GLU A 242 -13.53 -0.78 -20.77
CA GLU A 242 -12.76 0.25 -21.50
C GLU A 242 -12.56 -0.18 -22.95
N GLY A 243 -12.65 0.80 -23.85
CA GLY A 243 -12.46 0.57 -25.27
C GLY A 243 -13.32 -0.53 -25.83
N ASP A 244 -12.69 -1.59 -26.30
CA ASP A 244 -13.45 -2.72 -26.85
C ASP A 244 -14.25 -3.42 -25.77
N GLY A 245 -13.79 -3.36 -24.52
CA GLY A 245 -14.51 -3.97 -23.41
C GLY A 245 -15.71 -3.21 -22.90
N GLU A 246 -16.04 -2.08 -23.53
CA GLU A 246 -17.16 -1.26 -23.06
C GLU A 246 -18.46 -2.04 -23.14
N ALA A 247 -19.18 -2.07 -22.00
CA ALA A 247 -20.42 -2.83 -21.76
C ALA A 247 -20.18 -4.32 -21.58
N TYR A 248 -18.94 -4.74 -21.35
CA TYR A 248 -18.63 -6.15 -21.09
C TYR A 248 -18.09 -6.36 -19.67
N ASN A 249 -18.30 -5.40 -18.80
CA ASN A 249 -18.10 -5.57 -17.37
C ASN A 249 -19.34 -5.02 -16.66
N LEU A 250 -19.76 -5.70 -15.58
CA LEU A 250 -20.96 -5.31 -14.85
C LEU A 250 -20.76 -5.54 -13.36
N ASN A 251 -20.82 -4.46 -12.59
CA ASN A 251 -20.78 -4.52 -11.13
C ASN A 251 -22.16 -4.21 -10.58
N ILE A 252 -22.65 -5.07 -9.71
CA ILE A 252 -23.91 -4.88 -9.02
C ILE A 252 -23.61 -4.79 -7.53
N VAL A 253 -23.79 -3.59 -6.93
CA VAL A 253 -23.38 -3.39 -5.54
C VAL A 253 -24.61 -3.41 -4.64
N PHE A 254 -24.41 -3.87 -3.42
CA PHE A 254 -25.47 -3.96 -2.42
C PHE A 254 -25.01 -3.38 -1.09
N PRO A 255 -25.95 -2.91 -0.27
CA PRO A 255 -25.58 -2.28 0.99
C PRO A 255 -25.57 -3.29 2.13
N PRO A 256 -25.17 -2.88 3.34
CA PRO A 256 -25.20 -3.82 4.47
C PRO A 256 -26.60 -4.36 4.73
N ASP A 257 -26.65 -5.59 5.24
CA ASP A 257 -27.85 -6.32 5.67
C ASP A 257 -28.67 -6.88 4.51
N THR A 258 -28.13 -6.87 3.29
CA THR A 258 -28.86 -7.29 2.10
C THR A 258 -29.19 -8.78 2.15
N PRO A 259 -30.46 -9.16 2.07
CA PRO A 259 -30.82 -10.57 2.14
C PRO A 259 -30.95 -11.17 0.76
N PHE A 260 -31.20 -12.47 0.69
CA PHE A 260 -31.30 -13.14 -0.61
C PHE A 260 -32.47 -12.58 -1.44
N SER A 261 -33.58 -12.24 -0.80
CA SER A 261 -34.72 -11.69 -1.53
C SER A 261 -34.37 -10.45 -2.33
N ILE A 262 -33.33 -9.72 -1.93
CA ILE A 262 -32.83 -8.56 -2.67
C ILE A 262 -31.66 -8.95 -3.55
N TRP A 263 -30.67 -9.65 -2.96
CA TRP A 263 -29.47 -10.08 -3.67
C TRP A 263 -29.81 -10.87 -4.92
N SER A 264 -30.85 -11.71 -4.85
CA SER A 264 -31.22 -12.53 -6.01
C SER A 264 -31.84 -11.70 -7.13
N GLN A 265 -32.31 -10.50 -6.84
CA GLN A 265 -32.73 -9.61 -7.92
C GLN A 265 -31.52 -9.17 -8.73
N GLY A 266 -30.40 -8.92 -8.07
CA GLY A 266 -29.16 -8.68 -8.81
C GLY A 266 -28.70 -9.91 -9.55
N LEU A 267 -28.79 -11.09 -8.92
CA LEU A 267 -28.46 -12.32 -9.62
C LEU A 267 -29.27 -12.44 -10.90
N GLU A 268 -30.56 -12.08 -10.86
CA GLU A 268 -31.41 -12.21 -12.04
C GLU A 268 -30.95 -11.27 -13.16
N LYS A 269 -30.57 -10.04 -12.79
CA LYS A 269 -30.04 -9.09 -13.77
C LYS A 269 -28.73 -9.60 -14.36
N ALA A 270 -27.85 -10.13 -13.51
CA ALA A 270 -26.65 -10.81 -14.01
C ALA A 270 -27.01 -11.94 -14.96
N CYS A 271 -28.05 -12.71 -14.64
CA CYS A 271 -28.41 -13.86 -15.47
C CYS A 271 -28.95 -13.41 -16.82
N GLU A 272 -29.69 -12.30 -16.85
CA GLU A 272 -30.17 -11.74 -18.11
C GLU A 272 -29.03 -11.18 -18.94
N ARG A 273 -28.08 -10.49 -18.31
CA ARG A 273 -26.91 -10.01 -19.02
C ARG A 273 -26.16 -11.16 -19.68
N ILE A 274 -25.99 -12.27 -18.96
CA ILE A 274 -25.34 -13.45 -19.51
C ILE A 274 -26.15 -14.03 -20.66
N ARG A 275 -27.48 -14.07 -20.53
N ARG A 275 -27.47 -14.08 -20.52
CA ARG A 275 -28.32 -14.64 -21.57
CA ARG A 275 -28.32 -14.64 -21.57
C ARG A 275 -28.12 -13.90 -22.90
C ARG A 275 -28.11 -13.91 -22.89
N THR A 276 -28.11 -12.57 -22.86
CA THR A 276 -27.96 -11.81 -24.09
C THR A 276 -26.54 -11.94 -24.66
N PHE A 277 -25.53 -12.05 -23.80
CA PHE A 277 -24.16 -12.26 -24.26
C PHE A 277 -23.99 -13.62 -24.92
N ALA A 278 -24.73 -14.63 -24.46
CA ALA A 278 -24.74 -15.96 -25.05
C ALA A 278 -23.35 -16.56 -25.10
N PRO A 279 -22.74 -16.82 -23.95
CA PRO A 279 -21.39 -17.38 -23.94
C PRO A 279 -21.41 -18.87 -24.22
N ASP A 280 -20.23 -19.38 -24.55
CA ASP A 280 -20.05 -20.80 -24.73
C ASP A 280 -19.62 -21.50 -23.45
N ALA A 281 -19.12 -20.74 -22.48
CA ALA A 281 -18.74 -21.32 -21.20
C ALA A 281 -19.04 -20.33 -20.11
N LEU A 282 -19.12 -20.85 -18.89
CA LEU A 282 -19.40 -20.06 -17.69
C LEU A 282 -18.42 -20.47 -16.61
N VAL A 283 -17.78 -19.48 -15.99
CA VAL A 283 -16.99 -19.66 -14.79
C VAL A 283 -17.67 -18.89 -13.67
N VAL A 284 -17.96 -19.57 -12.57
CA VAL A 284 -18.58 -18.94 -11.41
C VAL A 284 -17.51 -18.88 -10.33
N ALA A 285 -17.08 -17.65 -10.01
CA ALA A 285 -16.20 -17.43 -8.87
C ALA A 285 -17.09 -17.44 -7.63
N LEU A 286 -17.03 -18.52 -6.87
CA LEU A 286 -18.01 -18.80 -5.84
C LEU A 286 -17.40 -18.53 -4.48
N GLY A 287 -17.89 -17.51 -3.80
CA GLY A 287 -17.64 -17.31 -2.39
C GLY A 287 -18.93 -17.52 -1.62
N VAL A 288 -18.82 -18.05 -0.42
CA VAL A 288 -19.95 -18.11 0.49
C VAL A 288 -19.77 -17.14 1.64
N ASP A 289 -18.93 -16.12 1.47
CA ASP A 289 -18.89 -15.04 2.45
C ASP A 289 -20.07 -14.08 2.31
N THR A 290 -21.04 -14.38 1.44
CA THR A 290 -22.37 -13.75 1.49
C THR A 290 -23.24 -14.30 2.61
N PHE A 291 -22.72 -15.22 3.41
CA PHE A 291 -23.49 -15.88 4.48
C PHE A 291 -23.79 -14.94 5.64
N GLU A 292 -24.97 -15.14 6.25
CA GLU A 292 -25.43 -14.24 7.31
C GLU A 292 -24.49 -14.20 8.51
N GLU A 293 -23.72 -15.25 8.75
CA GLU A 293 -22.77 -15.22 9.87
C GLU A 293 -21.32 -15.04 9.43
N ASP A 294 -21.07 -14.62 8.19
CA ASP A 294 -19.69 -14.51 7.76
C ASP A 294 -18.98 -13.41 8.55
N PRO A 295 -17.76 -13.65 9.02
CA PRO A 295 -17.16 -12.74 10.01
C PRO A 295 -16.69 -11.42 9.46
N ILE A 296 -16.45 -11.30 8.16
CA ILE A 296 -15.91 -10.05 7.63
C ILE A 296 -16.85 -9.40 6.62
N SER A 297 -18.10 -9.89 6.50
CA SER A 297 -18.99 -9.48 5.43
C SER A 297 -20.36 -9.13 5.99
N PHE A 298 -21.18 -8.43 5.19
CA PHE A 298 -22.42 -7.91 5.75
C PHE A 298 -23.66 -8.22 4.91
N PHE A 299 -23.72 -9.38 4.27
CA PHE A 299 -24.95 -9.87 3.66
C PHE A 299 -25.61 -10.90 4.57
N LYS A 300 -26.83 -11.31 4.19
CA LYS A 300 -27.69 -12.07 5.08
C LYS A 300 -28.27 -13.31 4.39
N LEU A 301 -27.47 -13.96 3.56
CA LEU A 301 -27.91 -15.20 2.95
C LEU A 301 -27.90 -16.32 3.99
N THR A 302 -28.89 -17.20 3.91
CA THR A 302 -28.94 -18.41 4.73
C THR A 302 -28.37 -19.60 3.96
N SER A 303 -28.05 -20.65 4.72
CA SER A 303 -27.52 -21.87 4.10
C SER A 303 -28.46 -22.38 3.02
N GLY A 304 -29.76 -22.31 3.26
CA GLY A 304 -30.72 -22.82 2.28
C GLY A 304 -30.76 -21.98 1.02
N ASP A 305 -30.40 -20.70 1.13
CA ASP A 305 -30.35 -19.85 -0.05
C ASP A 305 -29.32 -20.34 -1.05
N TYR A 306 -28.29 -21.08 -0.61
CA TYR A 306 -27.28 -21.55 -1.56
C TYR A 306 -27.82 -22.67 -2.45
N LEU A 307 -28.81 -23.42 -1.98
CA LEU A 307 -29.52 -24.36 -2.85
C LEU A 307 -30.20 -23.63 -3.99
N LYS A 308 -30.79 -22.47 -3.69
CA LYS A 308 -31.47 -21.66 -4.70
C LYS A 308 -30.49 -21.01 -5.66
N LEU A 309 -29.32 -20.62 -5.15
CA LEU A 309 -28.29 -20.07 -6.03
C LEU A 309 -27.81 -21.13 -7.00
N GLY A 310 -27.52 -22.32 -6.48
CA GLY A 310 -27.11 -23.41 -7.35
C GLY A 310 -28.15 -23.73 -8.42
N LYS A 311 -29.42 -23.77 -8.04
CA LYS A 311 -30.48 -24.09 -9.00
C LYS A 311 -30.57 -23.04 -10.10
N ARG A 312 -30.49 -21.76 -9.73
CA ARG A 312 -30.60 -20.68 -10.70
C ARG A 312 -29.44 -20.71 -11.69
N LEU A 313 -28.26 -21.09 -11.22
CA LEU A 313 -27.11 -21.14 -12.11
C LEU A 313 -27.23 -22.29 -13.11
N GLU A 314 -27.75 -23.43 -12.67
CA GLU A 314 -27.97 -24.53 -13.62
C GLU A 314 -28.95 -24.15 -14.72
N GLN A 315 -29.94 -23.32 -14.41
CA GLN A 315 -30.93 -22.92 -15.40
C GLN A 315 -30.34 -22.06 -16.50
N LEU A 316 -29.11 -21.56 -16.33
CA LEU A 316 -28.43 -20.88 -17.42
C LEU A 316 -28.08 -21.83 -18.56
N GLY A 317 -28.00 -23.13 -18.30
CA GLY A 317 -27.78 -24.09 -19.36
C GLY A 317 -26.41 -24.05 -19.98
N LEU A 318 -25.39 -23.68 -19.20
CA LEU A 318 -24.03 -23.48 -19.67
C LEU A 318 -23.07 -24.52 -19.07
N PRO A 319 -22.08 -24.97 -19.84
CA PRO A 319 -20.95 -25.66 -19.21
C PRO A 319 -20.32 -24.72 -18.21
N THR A 320 -20.16 -25.19 -16.98
CA THR A 320 -19.92 -24.31 -15.85
C THR A 320 -18.78 -24.83 -14.98
N VAL A 321 -17.81 -23.97 -14.72
CA VAL A 321 -16.75 -24.25 -13.77
C VAL A 321 -16.97 -23.39 -12.53
N PHE A 322 -17.03 -24.02 -11.37
CA PHE A 322 -17.06 -23.33 -10.10
C PHE A 322 -15.64 -23.28 -9.55
N THR A 323 -15.17 -22.08 -9.19
CA THR A 323 -13.91 -21.92 -8.49
C THR A 323 -14.19 -21.37 -7.09
N MET A 324 -13.63 -22.03 -6.08
CA MET A 324 -13.84 -21.61 -4.70
C MET A 324 -13.09 -20.31 -4.40
N GLU A 325 -13.81 -19.31 -3.89
CA GLU A 325 -13.19 -18.07 -3.46
C GLU A 325 -13.30 -17.91 -1.94
N GLY A 326 -14.06 -16.92 -1.49
CA GLY A 326 -14.11 -16.61 -0.07
C GLY A 326 -15.14 -17.44 0.68
N GLY A 327 -15.40 -17.02 1.93
CA GLY A 327 -16.26 -17.72 2.86
C GLY A 327 -15.52 -18.13 4.13
N TYR A 328 -15.85 -17.53 5.28
CA TYR A 328 -14.97 -17.60 6.45
C TYR A 328 -15.67 -18.01 7.75
N ASP A 329 -16.97 -18.26 7.72
CA ASP A 329 -17.62 -18.89 8.87
C ASP A 329 -17.46 -20.41 8.72
N VAL A 330 -16.46 -20.98 9.39
CA VAL A 330 -15.99 -22.29 8.99
C VAL A 330 -17.01 -23.40 9.29
N ASP A 331 -17.74 -23.31 10.41
CA ASP A 331 -18.60 -24.43 10.74
C ASP A 331 -19.76 -24.59 9.76
N ALA A 332 -20.07 -23.52 9.00
CA ALA A 332 -21.12 -23.54 7.98
C ALA A 332 -20.59 -23.66 6.55
N ILE A 333 -19.28 -23.49 6.34
CA ILE A 333 -18.76 -23.34 4.98
C ILE A 333 -18.98 -24.59 4.14
N GLY A 334 -18.85 -25.77 4.74
CA GLY A 334 -19.10 -26.99 3.98
C GLY A 334 -20.53 -27.08 3.49
N VAL A 335 -21.49 -26.88 4.41
CA VAL A 335 -22.89 -26.93 4.02
C VAL A 335 -23.19 -25.86 2.99
N ASN A 336 -22.66 -24.66 3.17
CA ASN A 336 -22.98 -23.57 2.26
C ASN A 336 -22.43 -23.84 0.86
N ALA A 337 -21.14 -24.18 0.75
CA ALA A 337 -20.56 -24.35 -0.58
C ALA A 337 -21.13 -25.57 -1.30
N VAL A 338 -21.23 -26.71 -0.61
CA VAL A 338 -21.76 -27.90 -1.25
C VAL A 338 -23.24 -27.71 -1.60
N ASN A 339 -23.98 -26.90 -0.83
CA ASN A 339 -25.38 -26.61 -1.17
C ASN A 339 -25.51 -25.98 -2.57
N VAL A 340 -24.53 -25.16 -2.98
CA VAL A 340 -24.56 -24.60 -4.33
C VAL A 340 -24.43 -25.72 -5.36
N MET A 341 -23.44 -26.60 -5.16
CA MET A 341 -23.28 -27.74 -6.07
C MET A 341 -24.52 -28.62 -6.07
N GLN A 342 -25.08 -28.86 -4.88
CA GLN A 342 -26.23 -29.76 -4.79
C GLN A 342 -27.48 -29.11 -5.37
N GLY A 343 -27.65 -27.81 -5.17
CA GLY A 343 -28.75 -27.11 -5.83
C GLY A 343 -28.62 -27.13 -7.33
N PHE A 344 -27.39 -26.97 -7.83
CA PHE A 344 -27.11 -27.13 -9.25
C PHE A 344 -27.55 -28.49 -9.75
N GLU A 345 -27.28 -29.53 -8.98
CA GLU A 345 -27.61 -30.89 -9.38
C GLU A 345 -29.06 -31.27 -9.11
N GLY A 346 -29.88 -30.35 -8.62
CA GLY A 346 -31.29 -30.59 -8.48
C GLY A 346 -31.81 -30.73 -7.07
N LYS A 347 -30.96 -30.60 -6.05
CA LYS A 347 -31.45 -30.64 -4.67
C LYS A 347 -32.11 -29.32 -4.30
N SER A 348 -33.26 -29.41 -3.66
CA SER A 348 -33.95 -28.22 -3.18
C SER A 348 -34.31 -28.38 -1.70
N LEU B 3 32.54 32.02 17.90
CA LEU B 3 31.44 31.13 18.24
C LEU B 3 30.07 31.79 18.07
N GLY B 4 29.53 31.74 16.85
CA GLY B 4 28.22 32.30 16.59
C GLY B 4 27.12 31.45 17.21
N SER B 5 25.94 32.05 17.33
CA SER B 5 24.81 31.39 17.97
C SER B 5 23.67 31.20 16.97
N MET B 6 22.81 30.23 17.25
CA MET B 6 21.65 29.93 16.40
C MET B 6 20.48 29.55 17.29
N LYS B 7 19.32 30.12 17.01
CA LYS B 7 18.14 29.82 17.80
C LYS B 7 17.50 28.52 17.34
N THR B 8 16.89 27.82 18.29
N THR B 8 16.90 27.80 18.29
CA THR B 8 16.19 26.57 18.03
CA THR B 8 16.20 26.56 17.99
C THR B 8 14.75 26.71 18.46
C THR B 8 14.76 26.69 18.46
N VAL B 9 13.83 26.27 17.61
CA VAL B 9 12.41 26.23 17.94
C VAL B 9 12.06 24.80 18.30
N PHE B 10 11.43 24.62 19.46
CA PHE B 10 11.13 23.29 19.98
C PHE B 10 9.74 23.30 20.60
N SER B 11 8.94 22.28 20.29
CA SER B 11 7.60 22.12 20.86
C SER B 11 7.57 20.90 21.78
N PRO B 12 7.21 21.08 23.06
CA PRO B 12 6.95 19.90 23.91
C PRO B 12 5.78 19.05 23.43
N LEU B 13 4.95 19.59 22.53
CA LEU B 13 3.81 18.83 22.02
C LEU B 13 4.23 17.65 21.15
N HIS B 14 5.50 17.59 20.73
CA HIS B 14 5.96 16.45 19.95
C HIS B 14 5.70 15.15 20.68
N SER B 15 5.82 15.16 22.01
CA SER B 15 5.65 13.95 22.81
C SER B 15 4.21 13.47 22.84
N ARG B 16 3.27 14.23 22.27
CA ARG B 16 1.92 13.73 22.10
C ARG B 16 1.87 12.60 21.09
N ARG B 17 2.86 12.51 20.18
CA ARG B 17 3.00 11.38 19.27
C ARG B 17 3.98 10.39 19.91
N HIS B 18 3.46 9.28 20.39
CA HIS B 18 4.27 8.26 21.01
C HIS B 18 3.62 6.92 20.68
N VAL B 19 3.68 6.55 19.40
CA VAL B 19 3.03 5.32 18.98
C VAL B 19 3.79 4.12 19.51
N LYS B 20 3.07 3.00 19.59
CA LYS B 20 3.61 1.79 20.20
C LYS B 20 4.04 0.75 19.19
N THR B 21 3.67 0.90 17.92
CA THR B 21 3.88 -0.18 16.96
C THR B 21 4.35 0.40 15.64
N GLU B 22 5.26 -0.34 14.99
CA GLU B 22 5.70 -0.04 13.62
C GLU B 22 5.80 -1.36 12.87
N LEU B 23 5.20 -1.40 11.69
CA LEU B 23 5.32 -2.57 10.84
C LEU B 23 6.69 -2.59 10.19
N ASP B 24 7.38 -3.72 10.30
CA ASP B 24 8.78 -3.79 9.90
C ASP B 24 9.18 -5.26 9.80
N GLY B 25 9.56 -5.71 8.62
CA GLY B 25 9.91 -7.11 8.46
C GLY B 25 8.82 -8.07 8.87
N GLY B 26 7.55 -7.69 8.67
CA GLY B 26 6.44 -8.57 8.99
C GLY B 26 6.06 -8.62 10.45
N LEU B 27 6.69 -7.83 11.31
CA LEU B 27 6.38 -7.78 12.72
C LEU B 27 5.99 -6.35 13.11
N LEU B 28 5.25 -6.24 14.21
CA LEU B 28 4.96 -4.95 14.82
C LEU B 28 6.00 -4.71 15.89
N ILE B 29 6.93 -3.79 15.62
CA ILE B 29 8.09 -3.56 16.45
C ILE B 29 7.98 -2.21 17.13
N GLU B 30 8.92 -1.95 18.03
CA GLU B 30 9.06 -0.63 18.64
C GLU B 30 9.44 0.40 17.58
N PRO B 31 8.70 1.51 17.46
CA PRO B 31 8.96 2.43 16.35
C PRO B 31 10.32 3.10 16.44
N HIS B 32 10.94 3.34 15.29
CA HIS B 32 12.26 3.98 15.28
C HIS B 32 12.15 5.47 15.57
N GLU B 33 11.09 6.12 15.07
CA GLU B 33 10.94 7.57 15.18
C GLU B 33 10.30 7.89 16.54
N LYS B 34 11.12 7.82 17.57
CA LYS B 34 10.68 7.79 18.95
C LYS B 34 10.90 9.13 19.64
N PRO B 35 10.13 9.43 20.70
CA PRO B 35 10.21 10.78 21.30
C PRO B 35 11.60 11.11 21.81
N SER B 36 12.41 10.13 22.18
CA SER B 36 13.73 10.47 22.69
C SER B 36 14.63 11.06 21.61
N ARG B 37 14.28 10.96 20.34
CA ARG B 37 15.07 11.66 19.33
C ARG B 37 15.04 13.16 19.57
N ALA B 38 13.85 13.71 19.75
CA ALA B 38 13.72 15.15 19.94
C ALA B 38 14.30 15.59 21.29
N GLU B 39 14.09 14.79 22.33
CA GLU B 39 14.61 15.17 23.64
C GLU B 39 16.13 15.11 23.65
N THR B 40 16.72 14.12 22.98
CA THR B 40 18.18 14.02 22.98
C THR B 40 18.81 15.19 22.22
N ILE B 41 18.24 15.57 21.08
CA ILE B 41 18.73 16.75 20.37
C ILE B 41 18.58 18.00 21.25
N LEU B 42 17.39 18.19 21.82
CA LEU B 42 17.18 19.39 22.63
C LEU B 42 18.18 19.47 23.79
N ALA B 43 18.45 18.34 24.43
CA ALA B 43 19.40 18.34 25.54
C ALA B 43 20.79 18.73 25.07
N ARG B 44 21.15 18.36 23.83
CA ARG B 44 22.46 18.74 23.31
C ARG B 44 22.50 20.21 22.90
N VAL B 45 21.38 20.74 22.42
CA VAL B 45 21.28 22.18 22.18
C VAL B 45 21.56 22.96 23.45
N LYS B 46 20.91 22.56 24.55
CA LYS B 46 21.17 23.20 25.83
C LYS B 46 22.61 23.01 26.25
N ASP B 47 23.12 21.80 26.11
CA ASP B 47 24.45 21.47 26.62
C ASP B 47 25.54 22.26 25.90
N GLN B 48 25.43 22.38 24.58
CA GLN B 48 26.38 23.16 23.81
C GLN B 48 26.12 24.64 23.83
N ALA B 49 25.01 25.08 24.45
CA ALA B 49 24.65 26.50 24.52
C ALA B 49 24.60 27.11 23.12
N LEU B 50 24.01 26.36 22.17
CA LEU B 50 24.02 26.76 20.77
C LEU B 50 23.35 28.12 20.59
N GLY B 51 22.31 28.39 21.35
CA GLY B 51 21.59 29.64 21.23
C GLY B 51 20.25 29.54 21.94
N GLU B 52 19.46 30.58 21.79
CA GLU B 52 18.18 30.65 22.49
C GLU B 52 17.21 29.58 21.98
N ILE B 53 16.46 28.98 22.89
CA ILE B 53 15.44 27.99 22.58
C ILE B 53 14.07 28.62 22.81
N LEU B 54 13.15 28.44 21.85
CA LEU B 54 11.82 29.02 21.99
C LEU B 54 10.76 28.03 21.54
N GLU B 55 9.57 28.16 22.12
CA GLU B 55 8.43 27.42 21.63
C GLU B 55 7.87 28.08 20.35
N PRO B 56 7.17 27.30 19.50
CA PRO B 56 6.60 27.89 18.29
C PRO B 56 5.39 28.77 18.58
N GLU B 57 5.03 29.58 17.60
CA GLU B 57 3.75 30.28 17.58
C GLU B 57 2.74 29.46 16.79
N GLU B 58 1.46 29.69 17.07
CA GLU B 58 0.37 29.03 16.36
C GLU B 58 0.11 29.85 15.10
N PHE B 59 0.37 29.25 13.93
CA PHE B 59 0.08 29.92 12.68
C PHE B 59 -1.24 29.48 12.07
N GLY B 60 -1.89 28.47 12.64
CA GLY B 60 -3.12 27.96 12.09
C GLY B 60 -2.87 27.10 10.86
N LEU B 61 -3.98 26.60 10.31
CA LEU B 61 -3.93 25.71 9.16
C LEU B 61 -3.66 26.44 7.84
N GLY B 62 -3.74 27.76 7.81
CA GLY B 62 -3.50 28.52 6.62
C GLY B 62 -2.21 28.17 5.89
N PRO B 63 -1.06 28.33 6.54
CA PRO B 63 0.21 28.03 5.86
C PRO B 63 0.38 26.55 5.55
N VAL B 64 -0.22 25.66 6.35
CA VAL B 64 -0.16 24.23 6.07
C VAL B 64 -0.92 23.91 4.79
N LYS B 65 -2.09 24.54 4.59
CA LYS B 65 -2.85 24.28 3.38
C LYS B 65 -2.31 25.01 2.15
N ARG B 66 -1.22 25.77 2.28
CA ARG B 66 -0.56 26.24 1.07
C ARG B 66 0.20 25.11 0.39
N VAL B 67 0.41 24.01 1.11
CA VAL B 67 1.12 22.85 0.61
C VAL B 67 0.23 21.63 0.50
N HIS B 68 -0.65 21.43 1.47
CA HIS B 68 -1.43 20.21 1.60
C HIS B 68 -2.89 20.47 1.27
N THR B 69 -3.55 19.47 0.69
CA THR B 69 -4.95 19.64 0.31
C THR B 69 -5.84 19.66 1.55
N ALA B 70 -6.95 20.41 1.45
CA ALA B 70 -7.87 20.52 2.58
C ALA B 70 -8.43 19.18 2.99
N ASP B 71 -8.72 18.31 2.01
CA ASP B 71 -9.25 16.98 2.33
C ASP B 71 -8.24 16.15 3.11
N TYR B 72 -6.95 16.29 2.76
CA TYR B 72 -5.91 15.58 3.48
C TYR B 72 -5.79 16.08 4.91
N VAL B 73 -5.83 17.40 5.10
CA VAL B 73 -5.71 17.99 6.42
C VAL B 73 -6.88 17.58 7.30
N SER B 74 -8.08 17.54 6.71
CA SER B 74 -9.26 17.05 7.42
C SER B 74 -9.08 15.59 7.82
N PHE B 75 -8.60 14.76 6.89
CA PHE B 75 -8.44 13.35 7.20
C PHE B 75 -7.56 13.14 8.43
N LEU B 76 -6.42 13.84 8.50
CA LEU B 76 -5.49 13.65 9.62
C LEU B 76 -6.13 14.05 10.93
N GLU B 77 -6.97 15.09 10.92
CA GLU B 77 -7.62 15.54 12.16
C GLU B 77 -8.60 14.51 12.68
N THR B 78 -9.30 13.81 11.79
CA THR B 78 -10.39 12.91 12.19
C THR B 78 -10.01 11.43 12.15
N CYS B 79 -8.84 11.08 11.61
CA CYS B 79 -8.48 9.69 11.36
C CYS B 79 -8.63 8.83 12.60
N TRP B 80 -7.96 9.24 13.69
CA TRP B 80 -7.91 8.41 14.89
C TRP B 80 -9.29 8.29 15.54
N ASP B 81 -10.06 9.37 15.59
CA ASP B 81 -11.41 9.28 16.15
C ASP B 81 -12.26 8.31 15.36
N GLU B 82 -12.22 8.42 14.02
CA GLU B 82 -12.97 7.51 13.17
C GLU B 82 -12.49 6.06 13.32
N TRP B 83 -11.17 5.86 13.41
CA TRP B 83 -10.61 4.54 13.61
C TRP B 83 -11.16 3.87 14.86
N VAL B 84 -11.13 4.59 15.98
CA VAL B 84 -11.60 4.03 17.25
C VAL B 84 -13.11 3.82 17.23
N ALA B 85 -13.85 4.80 16.73
CA ALA B 85 -15.30 4.68 16.60
C ALA B 85 -15.71 3.53 15.69
N ALA B 86 -14.80 3.05 14.84
CA ALA B 86 -15.07 1.93 13.94
C ALA B 86 -14.70 0.59 14.55
N GLY B 87 -14.18 0.55 15.78
CA GLY B 87 -14.00 -0.71 16.46
C GLY B 87 -12.64 -1.37 16.32
N LYS B 88 -11.70 -0.74 15.60
CA LYS B 88 -10.34 -1.26 15.53
C LYS B 88 -9.62 -1.13 16.87
N ARG B 89 -8.84 -2.18 17.21
CA ARG B 89 -8.18 -2.29 18.51
C ARG B 89 -6.69 -1.96 18.47
N GLY B 90 -6.05 -2.02 17.30
CA GLY B 90 -4.68 -1.59 17.16
C GLY B 90 -4.58 -0.09 16.92
N GLU B 91 -3.36 0.38 16.70
CA GLU B 91 -3.18 1.73 16.19
C GLU B 91 -3.63 1.78 14.73
N ALA B 92 -3.85 2.99 14.23
CA ALA B 92 -4.37 3.17 12.86
C ALA B 92 -3.26 2.86 11.85
N ILE B 93 -3.40 1.75 11.14
CA ILE B 93 -2.43 1.29 10.14
C ILE B 93 -3.19 0.91 8.89
N PRO B 94 -2.77 1.35 7.69
CA PRO B 94 -3.50 0.96 6.47
C PRO B 94 -3.26 -0.50 6.11
N THR B 95 -4.33 -1.19 5.71
CA THR B 95 -4.26 -2.58 5.32
C THR B 95 -4.33 -2.78 3.81
N PHE B 96 -4.83 -1.80 3.07
CA PHE B 96 -4.91 -1.94 1.62
C PHE B 96 -4.99 -0.56 1.00
N TRP B 97 -4.64 -0.49 -0.27
CA TRP B 97 -4.38 0.81 -0.88
C TRP B 97 -4.76 0.75 -2.34
N VAL B 98 -4.54 1.87 -3.03
CA VAL B 98 -4.76 1.93 -4.47
C VAL B 98 -3.63 1.19 -5.18
N GLY B 99 -3.85 -0.09 -5.47
CA GLY B 99 -2.87 -0.86 -6.21
C GLY B 99 -2.81 -0.44 -7.66
N ARG B 100 -1.75 -0.87 -8.33
CA ARG B 100 -1.65 -0.55 -9.74
C ARG B 100 -2.83 -1.17 -10.48
N GLY B 101 -3.54 -0.34 -11.27
CA GLY B 101 -4.73 -0.77 -11.97
C GLY B 101 -6.02 -0.46 -11.26
N MET B 102 -5.97 0.17 -10.09
CA MET B 102 -7.18 0.58 -9.35
C MET B 102 -7.35 2.09 -9.47
N ARG B 103 -8.53 2.54 -9.05
CA ARG B 103 -8.92 3.94 -9.17
C ARG B 103 -8.41 4.75 -7.99
N ALA B 104 -7.92 5.95 -8.28
CA ALA B 104 -7.60 6.91 -7.22
C ALA B 104 -8.88 7.66 -6.83
N ARG B 105 -9.77 6.94 -6.16
CA ARG B 105 -11.08 7.45 -5.79
C ARG B 105 -11.23 7.35 -4.29
N LEU B 106 -11.55 8.48 -3.65
CA LEU B 106 -11.66 8.57 -2.21
C LEU B 106 -12.89 7.83 -1.70
N PRO B 107 -12.75 6.74 -0.94
CA PRO B 107 -13.90 5.99 -0.44
C PRO B 107 -14.40 6.56 0.88
N LYS B 108 -15.61 6.14 1.25
CA LYS B 108 -16.20 6.59 2.52
C LYS B 108 -15.52 5.94 3.72
N ASP B 109 -15.20 4.66 3.58
CA ASP B 109 -14.67 3.86 4.69
C ASP B 109 -13.32 4.38 5.17
N ILE B 110 -13.12 4.31 6.49
CA ILE B 110 -11.89 4.83 7.10
C ILE B 110 -10.68 4.00 6.69
N ASP B 111 -10.81 2.66 6.66
CA ASP B 111 -9.69 1.85 6.17
C ASP B 111 -9.36 2.23 4.75
N GLY B 112 -10.37 2.34 3.91
CA GLY B 112 -10.13 2.81 2.55
C GLY B 112 -9.40 4.13 2.50
N ARG B 113 -9.79 5.09 3.33
CA ARG B 113 -9.19 6.42 3.28
C ARG B 113 -7.77 6.40 3.80
N LEU B 114 -7.53 5.66 4.90
CA LEU B 114 -6.18 5.42 5.39
C LEU B 114 -5.24 4.99 4.26
N GLY B 115 -5.68 4.04 3.42
CA GLY B 115 -4.81 3.55 2.36
C GLY B 115 -4.67 4.52 1.21
N TYR B 116 -5.78 5.21 0.88
CA TYR B 116 -5.76 6.22 -0.17
C TYR B 116 -4.76 7.33 0.13
N TYR B 117 -4.61 7.69 1.40
CA TYR B 117 -3.82 8.84 1.81
C TYR B 117 -2.40 8.48 2.23
N SER B 118 -1.95 7.25 1.98
CA SER B 118 -0.68 6.79 2.51
C SER B 118 0.15 6.09 1.44
N LEU B 119 1.45 6.03 1.69
CA LEU B 119 2.36 5.28 0.82
C LEU B 119 3.02 4.11 1.53
N GLY B 120 2.69 3.89 2.80
CA GLY B 120 3.30 2.81 3.55
C GLY B 120 2.54 2.56 4.83
N ALA B 121 2.86 1.43 5.46
CA ALA B 121 2.16 0.96 6.66
C ALA B 121 3.02 1.02 7.91
N ASP B 122 4.18 1.67 7.85
CA ASP B 122 5.07 1.75 8.98
C ASP B 122 4.89 3.03 9.80
N THR B 123 3.87 3.82 9.50
CA THR B 123 3.63 5.12 10.13
C THR B 123 2.27 5.10 10.85
N SER B 124 2.23 4.43 12.01
CA SER B 124 0.99 4.31 12.76
C SER B 124 0.51 5.67 13.23
N ILE B 125 -0.82 5.83 13.25
CA ILE B 125 -1.49 7.02 13.76
C ILE B 125 -2.20 6.61 15.04
N SER B 126 -2.08 7.43 16.08
CA SER B 126 -2.82 7.21 17.33
C SER B 126 -3.20 8.56 17.89
N ASP B 127 -3.70 8.57 19.12
CA ASP B 127 -4.12 9.80 19.77
C ASP B 127 -2.92 10.70 19.96
N GLY B 128 -3.07 11.98 19.60
CA GLY B 128 -2.00 12.95 19.73
C GLY B 128 -1.22 13.18 18.46
N THR B 129 -1.28 12.26 17.50
CA THR B 129 -0.59 12.43 16.22
C THR B 129 -1.00 13.73 15.52
N TRP B 130 -2.31 14.03 15.50
CA TRP B 130 -2.75 15.28 14.90
C TRP B 130 -2.08 16.48 15.56
N GLU B 131 -2.10 16.52 16.89
CA GLU B 131 -1.56 17.67 17.61
C GLU B 131 -0.05 17.79 17.44
N ALA B 132 0.65 16.66 17.46
CA ALA B 132 2.09 16.67 17.24
C ALA B 132 2.44 17.15 15.82
N ALA B 133 1.72 16.67 14.82
CA ALA B 133 1.97 17.11 13.45
C ALA B 133 1.70 18.60 13.28
N ARG B 134 0.63 19.10 13.92
CA ARG B 134 0.35 20.52 13.88
C ARG B 134 1.49 21.33 14.49
N ALA B 135 1.98 20.91 15.65
CA ALA B 135 3.05 21.65 16.32
C ALA B 135 4.35 21.61 15.54
N SER B 136 4.66 20.46 14.93
CA SER B 136 5.90 20.36 14.16
C SER B 136 5.91 21.36 13.02
N ALA B 137 4.77 21.51 12.33
CA ALA B 137 4.66 22.49 11.26
C ALA B 137 4.76 23.90 11.78
N ASN B 138 4.16 24.18 12.95
CA ASN B 138 4.33 25.48 13.59
C ASN B 138 5.78 25.71 14.02
N VAL B 139 6.52 24.64 14.35
CA VAL B 139 7.93 24.75 14.68
C VAL B 139 8.70 25.24 13.46
N ALA B 140 8.42 24.65 12.29
CA ALA B 140 9.11 25.05 11.07
C ALA B 140 8.71 26.45 10.62
N LEU B 141 7.42 26.83 10.81
CA LEU B 141 6.97 28.16 10.43
C LEU B 141 7.52 29.23 11.36
N THR B 142 7.80 28.87 12.61
CA THR B 142 8.37 29.82 13.55
C THR B 142 9.84 30.06 13.24
N ALA B 143 10.57 29.01 12.86
CA ALA B 143 11.96 29.19 12.44
C ALA B 143 12.04 30.00 11.16
N GLN B 144 11.09 29.78 10.24
CA GLN B 144 11.04 30.61 9.04
C GLN B 144 10.79 32.08 9.39
N LYS B 145 9.90 32.34 10.36
CA LYS B 145 9.65 33.71 10.80
C LYS B 145 10.91 34.34 11.38
N LEU B 146 11.67 33.59 12.19
CA LEU B 146 12.90 34.14 12.75
C LEU B 146 13.90 34.56 11.67
N VAL B 147 14.02 33.76 10.61
CA VAL B 147 14.95 34.09 9.54
C VAL B 147 14.42 35.27 8.72
N ALA B 148 13.11 35.32 8.48
CA ALA B 148 12.56 36.42 7.70
C ALA B 148 12.60 37.74 8.46
N GLU B 149 12.67 37.69 9.78
CA GLU B 149 12.76 38.90 10.60
C GLU B 149 14.20 39.28 10.91
N GLY B 150 15.19 38.62 10.32
CA GLY B 150 16.54 39.13 10.37
C GLY B 150 17.64 38.19 10.81
N GLU B 151 17.28 36.98 11.22
CA GLU B 151 18.31 36.02 11.63
C GLU B 151 18.87 35.29 10.42
N ARG B 152 20.17 34.96 10.49
CA ARG B 152 20.79 34.27 9.37
C ARG B 152 20.23 32.87 9.20
N ALA B 153 20.01 32.16 10.30
CA ALA B 153 19.57 30.76 10.22
C ALA B 153 18.82 30.42 11.50
N ALA B 154 18.01 29.37 11.43
CA ALA B 154 17.29 28.89 12.60
C ALA B 154 17.09 27.38 12.47
N PHE B 155 17.11 26.69 13.60
CA PHE B 155 16.94 25.25 13.66
C PHE B 155 15.52 24.93 14.14
N ALA B 156 14.70 24.40 13.26
CA ALA B 156 13.37 23.91 13.61
C ALA B 156 13.50 22.46 14.05
N LEU B 157 13.40 22.21 15.36
CA LEU B 157 13.53 20.87 15.91
C LEU B 157 12.19 20.14 15.72
N CYS B 158 11.92 19.80 14.47
CA CYS B 158 10.65 19.19 14.07
C CYS B 158 10.58 17.73 14.48
N ARG B 159 9.49 17.35 15.15
CA ARG B 159 9.11 15.95 15.34
C ARG B 159 7.60 15.90 15.43
N PRO B 160 6.90 15.18 14.55
CA PRO B 160 7.41 14.29 13.49
C PRO B 160 8.09 14.99 12.31
N PRO B 161 8.91 14.26 11.57
CA PRO B 161 9.52 14.81 10.35
C PRO B 161 8.52 15.03 9.23
N GLY B 162 8.98 15.49 8.06
CA GLY B 162 8.05 15.88 7.02
C GLY B 162 8.38 15.55 5.57
N HIS B 163 9.64 15.29 5.24
CA HIS B 163 10.00 15.34 3.81
C HIS B 163 9.41 14.21 2.97
N HIS B 164 8.83 13.17 3.57
CA HIS B 164 8.19 12.13 2.78
C HIS B 164 6.72 12.43 2.47
N ALA B 165 6.15 13.45 3.09
CA ALA B 165 4.72 13.73 2.91
C ALA B 165 4.49 14.53 1.63
N HIS B 166 3.61 14.00 0.77
CA HIS B 166 3.12 14.71 -0.40
C HIS B 166 2.00 15.66 -0.01
N ALA B 167 1.46 16.36 -1.00
CA ALA B 167 0.34 17.26 -0.75
C ALA B 167 -0.80 16.53 -0.05
N ASP B 168 -1.01 15.25 -0.37
CA ASP B 168 -2.09 14.51 0.24
C ASP B 168 -1.70 13.04 0.43
N VAL B 169 -0.43 12.77 0.77
CA VAL B 169 0.00 11.42 1.12
C VAL B 169 0.91 11.51 2.32
N PHE B 170 0.68 10.65 3.32
CA PHE B 170 1.59 10.54 4.45
C PHE B 170 2.37 9.23 4.39
N GLY B 171 3.45 9.16 5.15
CA GLY B 171 4.28 7.98 5.17
C GLY B 171 5.71 8.36 5.54
N GLY B 172 6.54 7.32 5.69
CA GLY B 172 7.93 7.57 6.05
C GLY B 172 8.06 8.31 7.36
N TYR B 173 7.11 8.09 8.27
CA TYR B 173 7.02 8.77 9.56
C TYR B 173 6.59 10.22 9.46
N CYS B 174 6.17 10.70 8.29
CA CYS B 174 5.88 12.12 8.07
C CYS B 174 4.40 12.37 7.80
N PHE B 175 3.89 13.54 8.22
CA PHE B 175 2.51 13.88 7.93
C PHE B 175 2.33 15.23 7.23
N PHE B 176 2.95 16.28 7.76
CA PHE B 176 3.00 17.59 7.10
C PHE B 176 4.44 17.83 6.65
N ASN B 177 4.61 18.27 5.41
CA ASN B 177 5.97 18.44 4.90
C ASN B 177 6.46 19.79 5.43
N ASN B 178 7.14 19.74 6.57
CA ASN B 178 7.57 20.95 7.25
C ASN B 178 8.52 21.78 6.39
N ALA B 179 9.44 21.13 5.69
CA ALA B 179 10.37 21.86 4.84
C ALA B 179 9.64 22.55 3.69
N ALA B 180 8.67 21.87 3.09
CA ALA B 180 7.90 22.46 2.01
C ALA B 180 7.06 23.61 2.50
N ILE B 181 6.50 23.49 3.71
CA ILE B 181 5.69 24.56 4.30
C ILE B 181 6.53 25.80 4.57
N ALA B 182 7.74 25.60 5.09
CA ALA B 182 8.65 26.71 5.31
C ALA B 182 9.04 27.36 3.99
N ALA B 183 9.37 26.54 2.98
CA ALA B 183 9.73 27.09 1.68
C ALA B 183 8.60 27.89 1.08
N GLN B 184 7.36 27.41 1.22
CA GLN B 184 6.22 28.14 0.67
C GLN B 184 5.98 29.43 1.44
N ALA B 185 6.15 29.39 2.77
CA ALA B 185 6.05 30.62 3.54
C ALA B 185 7.05 31.65 3.03
N PHE B 186 8.29 31.23 2.78
CA PHE B 186 9.25 32.10 2.12
C PHE B 186 8.68 32.70 0.84
N ARG B 187 8.14 31.85 -0.04
CA ARG B 187 7.59 32.34 -1.30
C ARG B 187 6.44 33.32 -1.06
N ASP B 188 5.53 32.97 -0.15
CA ASP B 188 4.38 33.83 0.13
C ASP B 188 4.76 35.19 0.72
N GLN B 189 5.95 35.32 1.29
CA GLN B 189 6.39 36.56 1.90
C GLN B 189 7.28 37.39 0.99
N GLY B 190 7.37 37.05 -0.30
CA GLY B 190 8.09 37.86 -1.26
C GLY B 190 9.51 37.43 -1.57
N TYR B 191 9.97 36.31 -1.01
CA TYR B 191 11.22 35.73 -1.50
C TYR B 191 10.95 35.13 -2.86
N GLY B 192 11.65 35.65 -3.89
CA GLY B 192 11.34 35.26 -5.26
C GLY B 192 11.56 33.78 -5.50
N LYS B 193 12.70 33.25 -5.05
CA LYS B 193 13.07 31.88 -5.33
C LYS B 193 13.62 31.26 -4.05
N VAL B 194 13.36 29.97 -3.87
CA VAL B 194 13.74 29.25 -2.65
C VAL B 194 14.31 27.91 -3.06
N ALA B 195 15.34 27.46 -2.36
CA ALA B 195 15.90 26.14 -2.59
C ALA B 195 15.72 25.30 -1.34
N VAL B 196 15.30 24.05 -1.53
CA VAL B 196 15.18 23.09 -0.44
C VAL B 196 16.21 21.99 -0.71
N LEU B 197 17.15 21.82 0.23
CA LEU B 197 18.23 20.83 0.12
C LEU B 197 17.99 19.74 1.14
N ASP B 198 17.86 18.51 0.66
CA ASP B 198 17.53 17.34 1.48
C ASP B 198 18.78 16.48 1.64
N VAL B 199 19.39 16.48 2.83
CA VAL B 199 20.58 15.67 3.11
C VAL B 199 20.27 14.48 4.02
N ASP B 200 19.02 14.31 4.42
CA ASP B 200 18.56 13.07 5.03
C ASP B 200 18.96 11.88 4.16
N PHE B 201 19.21 10.73 4.80
CA PHE B 201 19.59 9.54 4.05
C PHE B 201 18.57 9.18 2.97
N HIS B 202 17.29 9.46 3.21
CA HIS B 202 16.25 9.03 2.30
C HIS B 202 15.86 10.17 1.37
N HIS B 203 15.38 9.79 0.18
CA HIS B 203 14.88 10.77 -0.77
C HIS B 203 13.73 11.58 -0.19
N GLY B 204 13.77 12.89 -0.38
CA GLY B 204 12.62 13.71 -0.02
C GLY B 204 11.52 13.68 -1.07
N ASN B 205 10.87 12.51 -1.22
CA ASN B 205 9.89 12.33 -2.30
C ASN B 205 8.74 13.31 -2.21
N GLY B 206 8.26 13.61 -0.99
CA GLY B 206 7.14 14.52 -0.87
C GLY B 206 7.50 15.94 -1.25
N THR B 207 8.68 16.42 -0.80
CA THR B 207 9.17 17.72 -1.21
C THR B 207 9.29 17.80 -2.72
N GLN B 208 9.91 16.79 -3.34
CA GLN B 208 10.01 16.75 -4.80
C GLN B 208 8.64 16.86 -5.45
N ALA B 209 7.69 16.01 -5.01
CA ALA B 209 6.37 16.01 -5.64
C ALA B 209 5.69 17.37 -5.54
N ILE B 210 5.76 18.00 -4.38
CA ILE B 210 5.01 19.24 -4.15
C ILE B 210 5.45 20.33 -5.11
N PHE B 211 6.76 20.42 -5.41
CA PHE B 211 7.27 21.51 -6.23
C PHE B 211 7.68 21.05 -7.62
N TYR B 212 7.21 19.86 -8.05
CA TYR B 212 7.79 19.19 -9.20
C TYR B 212 7.58 19.99 -10.49
N ASP B 213 6.48 20.71 -10.60
CA ASP B 213 6.20 21.43 -11.84
C ASP B 213 6.51 22.91 -11.73
N ARG B 214 7.38 23.29 -10.81
CA ARG B 214 7.66 24.69 -10.52
C ARG B 214 9.14 24.98 -10.71
N SER B 215 9.43 26.16 -11.24
CA SER B 215 10.81 26.61 -11.38
C SER B 215 11.19 27.65 -10.33
N ASP B 216 10.26 28.05 -9.46
CA ASP B 216 10.54 29.03 -8.41
C ASP B 216 11.00 28.39 -7.11
N VAL B 217 10.90 27.07 -6.99
CA VAL B 217 11.38 26.35 -5.81
C VAL B 217 12.22 25.20 -6.33
N LEU B 218 13.53 25.27 -6.08
CA LEU B 218 14.45 24.22 -6.48
C LEU B 218 14.51 23.18 -5.36
N THR B 219 14.35 21.92 -5.72
CA THR B 219 14.42 20.83 -4.76
C THR B 219 15.58 19.93 -5.13
N ILE B 220 16.46 19.66 -4.17
CA ILE B 220 17.63 18.80 -4.34
C ILE B 220 17.63 17.76 -3.23
N SER B 221 17.97 16.52 -3.56
CA SER B 221 18.09 15.50 -2.53
C SER B 221 19.31 14.64 -2.78
N LEU B 222 20.00 14.30 -1.71
CA LEU B 222 21.06 13.30 -1.68
C LEU B 222 20.53 12.14 -0.85
N HIS B 223 20.65 10.92 -1.36
CA HIS B 223 19.99 9.82 -0.67
C HIS B 223 20.52 8.48 -1.13
N GLY B 224 20.21 7.45 -0.35
CA GLY B 224 20.50 6.09 -0.78
C GLY B 224 19.65 5.70 -1.99
N ASP B 225 20.26 4.92 -2.89
CA ASP B 225 19.64 4.40 -4.11
C ASP B 225 18.24 3.85 -3.81
N PRO B 226 17.18 4.46 -4.36
CA PRO B 226 15.82 3.96 -4.08
C PRO B 226 15.54 2.60 -4.70
N ASP B 227 16.40 2.14 -5.62
CA ASP B 227 16.32 0.74 -6.04
C ASP B 227 16.48 -0.18 -4.84
N LEU B 228 17.24 0.26 -3.84
CA LEU B 228 17.60 -0.53 -2.68
C LEU B 228 16.85 -0.15 -1.41
N VAL B 229 16.42 1.11 -1.25
CA VAL B 229 15.84 1.57 0.02
C VAL B 229 14.64 2.46 -0.23
N PHE B 230 13.87 2.65 0.84
CA PHE B 230 12.73 3.56 0.85
C PHE B 230 13.15 4.93 0.32
N PRO B 231 12.31 5.63 -0.48
CA PRO B 231 10.91 5.34 -0.83
C PRO B 231 10.67 4.41 -2.01
N HIS B 232 11.73 3.98 -2.69
CA HIS B 232 11.70 2.96 -3.74
C HIS B 232 11.13 3.46 -5.07
N PHE B 233 10.06 4.27 -5.05
CA PHE B 233 9.33 4.59 -6.28
C PHE B 233 9.46 6.06 -6.68
N LEU B 234 10.34 6.80 -6.02
CA LEU B 234 10.78 8.12 -6.45
C LEU B 234 12.22 8.26 -6.02
N GLY B 235 12.91 9.24 -6.58
CA GLY B 235 14.25 9.57 -6.13
C GLY B 235 15.34 9.22 -7.11
N PHE B 236 15.00 8.72 -8.28
CA PHE B 236 15.99 8.34 -9.27
C PHE B 236 16.50 9.57 -10.00
N GLU B 237 17.71 9.44 -10.55
CA GLU B 237 18.39 10.63 -11.05
C GLU B 237 17.77 11.13 -12.34
N ASP B 238 16.93 10.33 -13.00
CA ASP B 238 16.24 10.79 -14.18
C ASP B 238 15.03 11.65 -13.86
N GLU B 239 14.72 11.87 -12.58
CA GLU B 239 13.60 12.71 -12.18
C GLU B 239 14.09 14.15 -12.05
N THR B 240 13.91 14.95 -13.11
CA THR B 240 14.47 16.29 -13.13
C THR B 240 13.40 17.39 -13.17
N GLY B 241 12.13 17.06 -13.01
CA GLY B 241 11.04 18.02 -13.05
C GLY B 241 10.17 17.82 -14.29
N GLU B 242 9.02 18.48 -14.28
CA GLU B 242 8.15 18.43 -15.44
C GLU B 242 7.57 19.81 -15.72
N GLY B 243 7.22 20.04 -16.99
CA GLY B 243 6.64 21.31 -17.36
C GLY B 243 7.58 22.44 -17.04
N ASP B 244 7.06 23.48 -16.37
CA ASP B 244 7.91 24.61 -15.98
C ASP B 244 8.95 24.20 -14.96
N GLY B 245 8.75 23.08 -14.26
CA GLY B 245 9.73 22.56 -13.34
C GLY B 245 10.89 21.80 -13.94
N GLU B 246 10.94 21.62 -15.26
CA GLU B 246 12.03 20.85 -15.83
C GLU B 246 13.36 21.55 -15.63
N ALA B 247 14.32 20.81 -15.02
CA ALA B 247 15.69 21.19 -14.69
C ALA B 247 15.77 21.83 -13.31
N TYR B 248 14.66 21.84 -12.58
CA TYR B 248 14.62 22.42 -11.23
C TYR B 248 14.34 21.37 -10.17
N ASN B 249 14.67 20.10 -10.45
CA ASN B 249 14.75 19.03 -9.46
C ASN B 249 16.01 18.22 -9.70
N LEU B 250 16.72 17.86 -8.63
CA LEU B 250 18.00 17.16 -8.75
C LEU B 250 18.11 16.09 -7.67
N ASN B 251 18.20 14.85 -8.12
CA ASN B 251 18.39 13.71 -7.24
C ASN B 251 19.80 13.19 -7.42
N ILE B 252 20.50 12.98 -6.31
CA ILE B 252 21.87 12.48 -6.31
C ILE B 252 21.88 11.22 -5.44
N VAL B 253 22.11 10.05 -6.05
CA VAL B 253 21.99 8.78 -5.34
C VAL B 253 23.37 8.23 -5.04
N PHE B 254 23.45 7.45 -3.95
CA PHE B 254 24.68 6.77 -3.57
C PHE B 254 24.41 5.34 -3.16
N PRO B 255 25.38 4.43 -3.37
CA PRO B 255 25.21 3.02 -3.01
C PRO B 255 25.48 2.76 -1.54
N PRO B 256 25.29 1.52 -1.06
CA PRO B 256 25.68 1.18 0.32
C PRO B 256 27.15 1.52 0.59
N ASP B 257 27.44 1.81 1.86
CA ASP B 257 28.79 2.03 2.39
C ASP B 257 29.44 3.36 2.02
N THR B 258 28.70 4.27 1.39
CA THR B 258 29.21 5.56 0.98
C THR B 258 29.72 6.39 2.16
N PRO B 259 31.02 6.80 2.17
CA PRO B 259 31.53 7.67 3.24
C PRO B 259 31.41 9.15 2.90
N PHE B 260 31.83 10.02 3.81
CA PHE B 260 31.75 11.46 3.57
C PHE B 260 32.62 11.90 2.39
N SER B 261 33.79 11.29 2.18
CA SER B 261 34.64 11.70 1.07
C SER B 261 33.91 11.61 -0.27
N ILE B 262 33.03 10.62 -0.43
CA ILE B 262 32.25 10.48 -1.66
C ILE B 262 30.96 11.28 -1.60
N TRP B 263 30.27 11.25 -0.44
CA TRP B 263 29.00 11.94 -0.31
C TRP B 263 29.19 13.45 -0.44
N SER B 264 30.31 13.98 0.09
CA SER B 264 30.57 15.40 -0.01
C SER B 264 30.84 15.84 -1.44
N GLN B 265 31.22 14.91 -2.32
CA GLN B 265 31.29 15.24 -3.75
C GLN B 265 29.89 15.48 -4.29
N GLY B 266 28.92 14.70 -3.84
CA GLY B 266 27.54 14.98 -4.21
C GLY B 266 27.04 16.25 -3.56
N LEU B 267 27.45 16.49 -2.31
CA LEU B 267 27.11 17.76 -1.67
C LEU B 267 27.60 18.94 -2.48
N GLU B 268 28.82 18.83 -3.05
CA GLU B 268 29.37 19.95 -3.81
C GLU B 268 28.58 20.18 -5.10
N LYS B 269 28.15 19.10 -5.77
CA LYS B 269 27.31 19.25 -6.96
C LYS B 269 26.00 19.93 -6.62
N ALA B 270 25.45 19.62 -5.43
CA ALA B 270 24.23 20.27 -4.97
C ALA B 270 24.47 21.74 -4.66
N CYS B 271 25.57 22.06 -3.98
CA CYS B 271 25.87 23.45 -3.68
C CYS B 271 26.08 24.25 -4.97
N GLU B 272 26.68 23.62 -5.98
CA GLU B 272 26.86 24.31 -7.26
C GLU B 272 25.52 24.51 -7.97
N ARG B 273 24.61 23.54 -7.85
CA ARG B 273 23.27 23.72 -8.38
C ARG B 273 22.54 24.86 -7.68
N ILE B 274 22.74 24.97 -6.36
CA ILE B 274 22.17 26.08 -5.60
C ILE B 274 22.76 27.41 -6.04
N ARG B 275 24.07 27.44 -6.32
CA ARG B 275 24.72 28.67 -6.75
C ARG B 275 24.09 29.18 -8.05
N THR B 276 23.91 28.29 -9.02
CA THR B 276 23.36 28.72 -10.29
C THR B 276 21.86 28.98 -10.21
N PHE B 277 21.16 28.37 -9.23
CA PHE B 277 19.77 28.73 -8.99
C PHE B 277 19.65 30.14 -8.43
N ALA B 278 20.61 30.54 -7.58
CA ALA B 278 20.63 31.82 -6.90
C ALA B 278 19.33 32.09 -6.15
N PRO B 279 19.01 31.32 -5.13
CA PRO B 279 17.79 31.57 -4.35
C PRO B 279 17.93 32.73 -3.37
N ASP B 280 16.77 33.23 -2.94
CA ASP B 280 16.72 34.22 -1.90
C ASP B 280 16.62 33.60 -0.51
N ALA B 281 16.37 32.29 -0.44
CA ALA B 281 16.31 31.57 0.83
C ALA B 281 16.60 30.10 0.58
N LEU B 282 17.01 29.43 1.65
CA LEU B 282 17.39 28.02 1.61
C LEU B 282 16.73 27.30 2.78
N VAL B 283 16.08 26.17 2.49
CA VAL B 283 15.59 25.28 3.53
C VAL B 283 16.39 23.99 3.42
N VAL B 284 16.95 23.55 4.53
CA VAL B 284 17.72 22.31 4.61
C VAL B 284 16.89 21.29 5.37
N ALA B 285 16.45 20.25 4.66
CA ALA B 285 15.81 19.10 5.28
C ALA B 285 16.92 18.23 5.83
N LEU B 286 17.19 18.37 7.14
CA LEU B 286 18.36 17.78 7.78
C LEU B 286 17.98 16.46 8.42
N GLY B 287 18.52 15.38 7.88
CA GLY B 287 18.49 14.09 8.55
C GLY B 287 19.92 13.67 8.87
N VAL B 288 20.10 13.05 10.03
CA VAL B 288 21.41 12.50 10.37
C VAL B 288 21.32 10.98 10.37
N ASP B 289 20.36 10.43 9.60
CA ASP B 289 20.42 9.00 9.34
C ASP B 289 21.48 8.63 8.32
N THR B 290 22.27 9.59 7.86
CA THR B 290 23.48 9.32 7.09
C THR B 290 24.61 8.79 7.96
N PHE B 291 24.37 8.65 9.26
CA PHE B 291 25.39 8.29 10.23
C PHE B 291 25.84 6.84 10.07
N GLU B 292 27.15 6.59 10.28
CA GLU B 292 27.73 5.25 10.20
C GLU B 292 27.05 4.24 11.13
N GLU B 293 26.40 4.70 12.20
CA GLU B 293 25.79 3.76 13.14
C GLU B 293 24.27 3.78 13.06
N ASP B 294 23.70 4.41 12.03
CA ASP B 294 22.25 4.49 11.94
C ASP B 294 21.68 3.11 11.72
N PRO B 295 20.61 2.73 12.45
CA PRO B 295 20.14 1.34 12.41
C PRO B 295 19.36 0.95 11.16
N ILE B 296 18.91 1.89 10.32
CA ILE B 296 18.14 1.53 9.14
C ILE B 296 18.78 2.04 7.85
N SER B 297 19.98 2.60 7.90
CA SER B 297 20.54 3.29 6.75
C SER B 297 21.95 2.79 6.48
N PHE B 298 22.46 3.03 5.26
CA PHE B 298 23.74 2.41 4.94
C PHE B 298 24.84 3.38 4.49
N PHE B 299 24.82 4.64 4.92
CA PHE B 299 25.97 5.51 4.72
C PHE B 299 26.90 5.46 5.94
N LYS B 300 28.05 6.12 5.81
CA LYS B 300 29.11 5.99 6.80
C LYS B 300 29.67 7.35 7.20
N LEU B 301 28.81 8.35 7.40
CA LEU B 301 29.27 9.62 7.94
C LEU B 301 29.64 9.50 9.41
N THR B 302 30.70 10.22 9.81
CA THR B 302 31.09 10.29 11.21
C THR B 302 30.49 11.52 11.86
N SER B 303 30.52 11.53 13.19
CA SER B 303 30.02 12.70 13.92
C SER B 303 30.76 13.96 13.52
N GLY B 304 32.07 13.86 13.23
CA GLY B 304 32.83 15.02 12.83
C GLY B 304 32.44 15.52 11.46
N ASP B 305 31.96 14.63 10.60
CA ASP B 305 31.55 15.03 9.25
C ASP B 305 30.41 16.03 9.30
N TYR B 306 29.56 15.96 10.32
CA TYR B 306 28.44 16.91 10.40
C TYR B 306 28.93 18.33 10.69
N LEU B 307 30.03 18.49 11.43
CA LEU B 307 30.62 19.82 11.53
C LEU B 307 30.99 20.36 10.15
N LYS B 308 31.56 19.49 9.30
CA LYS B 308 31.98 19.92 7.97
C LYS B 308 30.78 20.22 7.07
N LEU B 309 29.71 19.44 7.23
CA LEU B 309 28.51 19.70 6.42
C LEU B 309 27.93 21.06 6.78
N GLY B 310 27.88 21.39 8.07
CA GLY B 310 27.37 22.69 8.48
C GLY B 310 28.26 23.83 7.99
N LYS B 311 29.58 23.62 8.01
CA LYS B 311 30.51 24.60 7.45
C LYS B 311 30.21 24.86 5.99
N ARG B 312 30.06 23.79 5.20
CA ARG B 312 29.82 23.92 3.76
C ARG B 312 28.50 24.63 3.48
N LEU B 313 27.48 24.36 4.29
CA LEU B 313 26.18 24.97 4.03
C LEU B 313 26.21 26.46 4.33
N GLU B 314 26.97 26.87 5.35
CA GLU B 314 27.04 28.30 5.68
C GLU B 314 27.72 29.07 4.55
N GLN B 315 28.71 28.47 3.90
CA GLN B 315 29.41 29.12 2.80
C GLN B 315 28.49 29.41 1.63
N LEU B 316 27.29 28.81 1.58
CA LEU B 316 26.36 29.17 0.53
C LEU B 316 25.89 30.61 0.67
N GLY B 317 26.04 31.20 1.85
CA GLY B 317 25.76 32.61 2.04
C GLY B 317 24.28 32.96 1.98
N LEU B 318 23.41 32.07 2.48
CA LEU B 318 21.97 32.23 2.30
C LEU B 318 21.23 32.29 3.64
N PRO B 319 20.07 32.94 3.68
CA PRO B 319 19.18 32.75 4.85
C PRO B 319 18.69 31.32 4.85
N THR B 320 18.83 30.64 6.00
CA THR B 320 18.76 29.17 6.03
C THR B 320 17.86 28.70 7.16
N VAL B 321 16.87 27.87 6.83
CA VAL B 321 16.06 27.16 7.82
C VAL B 321 16.43 25.69 7.75
N PHE B 322 16.81 25.12 8.90
CA PHE B 322 17.01 23.69 9.07
C PHE B 322 15.76 23.07 9.67
N THR B 323 15.20 22.05 9.03
CA THR B 323 14.08 21.31 9.61
C THR B 323 14.53 19.88 9.89
N MET B 324 14.22 19.39 11.09
CA MET B 324 14.72 18.08 11.49
C MET B 324 13.89 16.99 10.84
N GLU B 325 14.57 16.09 10.14
CA GLU B 325 13.93 14.93 9.55
C GLU B 325 14.35 13.70 10.34
N GLY B 326 15.05 12.76 9.70
CA GLY B 326 15.34 11.47 10.30
C GLY B 326 16.68 11.42 11.03
N GLY B 327 16.99 10.22 11.54
CA GLY B 327 18.18 9.94 12.34
C GLY B 327 17.79 9.11 13.55
N TYR B 328 18.27 7.86 13.65
CA TYR B 328 17.66 6.90 14.56
C TYR B 328 18.65 6.22 15.50
N ASP B 329 19.93 6.55 15.45
CA ASP B 329 20.86 6.18 16.51
C ASP B 329 20.74 7.23 17.60
N VAL B 330 19.91 6.95 18.63
CA VAL B 330 19.58 7.98 19.61
C VAL B 330 20.77 8.32 20.48
N ASP B 331 21.73 7.41 20.64
CA ASP B 331 22.95 7.72 21.37
C ASP B 331 23.66 8.93 20.78
N ALA B 332 23.75 9.01 19.45
CA ALA B 332 24.53 10.01 18.76
C ALA B 332 23.70 11.07 18.06
N ILE B 333 22.37 11.05 18.21
CA ILE B 333 21.56 11.94 17.38
C ILE B 333 21.78 13.40 17.79
N GLY B 334 21.95 13.66 19.08
CA GLY B 334 22.14 15.04 19.53
C GLY B 334 23.47 15.59 19.06
N VAL B 335 24.54 14.82 19.23
CA VAL B 335 25.85 15.25 18.76
C VAL B 335 25.82 15.52 17.26
N ASN B 336 25.16 14.64 16.50
CA ASN B 336 25.20 14.73 15.05
C ASN B 336 24.41 15.94 14.53
N ALA B 337 23.16 16.08 14.98
CA ALA B 337 22.34 17.19 14.49
C ALA B 337 22.88 18.54 14.95
N VAL B 338 23.33 18.63 16.21
CA VAL B 338 23.82 19.91 16.71
C VAL B 338 25.20 20.22 16.12
N ASN B 339 25.98 19.18 15.79
CA ASN B 339 27.23 19.41 15.06
C ASN B 339 26.99 20.15 13.76
N VAL B 340 25.85 19.91 13.10
CA VAL B 340 25.59 20.61 11.84
C VAL B 340 25.39 22.10 12.11
N MET B 341 24.60 22.43 13.14
CA MET B 341 24.36 23.83 13.48
C MET B 341 25.61 24.51 13.99
N GLN B 342 26.39 23.81 14.82
CA GLN B 342 27.65 24.37 15.31
C GLN B 342 28.63 24.61 14.18
N GLY B 343 28.73 23.67 13.24
CA GLY B 343 29.60 23.88 12.08
C GLY B 343 29.15 25.06 11.24
N PHE B 344 27.83 25.22 11.10
CA PHE B 344 27.28 26.42 10.47
C PHE B 344 27.79 27.68 11.18
N GLU B 345 27.83 27.64 12.50
CA GLU B 345 28.25 28.81 13.26
C GLU B 345 29.76 28.90 13.40
N GLY B 346 30.52 28.01 12.77
CA GLY B 346 31.97 28.15 12.72
C GLY B 346 32.77 27.16 13.54
N LYS B 347 32.14 26.11 14.09
CA LYS B 347 32.89 25.12 14.84
C LYS B 347 33.58 24.15 13.89
N SER B 348 34.80 23.76 14.24
CA SER B 348 35.54 22.78 13.47
C SER B 348 36.16 21.74 14.40
#